data_6C76
#
_entry.id   6C76
#
_cell.length_a   48.920
_cell.length_b   111.978
_cell.length_c   142.081
_cell.angle_alpha   90.00
_cell.angle_beta   90.00
_cell.angle_gamma   90.00
#
_symmetry.space_group_name_H-M   'P 21 21 21'
#
loop_
_entity.id
_entity.type
_entity.pdbx_description
1 polymer 'Alcohol dehydrogenase'
2 non-polymer 'FE (III) ION'
3 non-polymer 'NADP NICOTINAMIDE-ADENINE-DINUCLEOTIDE PHOSPHATE'
4 non-polymer 'ACETIC ACID'
5 non-polymer 'TRIETHYLENE GLYCOL'
6 water water
#
_entity_poly.entity_id   1
_entity_poly.type   'polypeptide(L)'
_entity_poly.pdbx_seq_one_letter_code
;MFWLKTRIIEGEGSLSRLSREVKGHERVLILASGSMKRHGFLSEAEDYVKEAGAEVFSIAGLPAEPSVEVIEEFLPKVRE
FGPDLLVAMGGGSVIDTTKALKVFYDAPELNFGEIAFIDRFSKPKPVPRLKTLLIAIPSTSGAGSEVSGASVLKKGGVKY
NIVTPEIAPDVAILDPRLPRTMPPEVARNSGLDVLVHGIEAYTTKVASPFSDAMAIKAIKTVYRWLPLSVKGDEEARARV
HYAATMAGIAFLNARLGLCHAMSHKAAWIGPHGLLNAVFLPYVMEFNASKSDYARRRYAEIARELGFQTAKDLIEVVKEL
NEMLGVPKLGELVDEETFASKVEEMAEKTYHDGLIAFNPVEPKPEEIKELYLKAYRGE
;
_entity_poly.pdbx_strand_id   A,B
#
loop_
_chem_comp.id
_chem_comp.type
_chem_comp.name
_chem_comp.formula
ACY non-polymer 'ACETIC ACID' 'C2 H4 O2'
FE non-polymer 'FE (III) ION' 'Fe 3'
NAP non-polymer 'NADP NICOTINAMIDE-ADENINE-DINUCLEOTIDE PHOSPHATE' 'C21 H28 N7 O17 P3'
PGE non-polymer 'TRIETHYLENE GLYCOL' 'C6 H14 O4'
#
# COMPACT_ATOMS: atom_id res chain seq x y z
N MET A 1 2.05 -2.11 -11.94
CA MET A 1 3.12 -2.16 -10.91
CA MET A 1 3.12 -2.16 -10.91
C MET A 1 2.68 -1.42 -9.65
N PHE A 2 3.02 -1.96 -8.49
CA PHE A 2 2.80 -1.24 -7.26
C PHE A 2 3.94 -1.52 -6.31
N TRP A 3 4.49 -0.45 -5.73
CA TRP A 3 5.41 -0.63 -4.64
C TRP A 3 5.59 0.55 -3.73
N LEU A 4 6.30 0.30 -2.64
CA LEU A 4 6.49 1.28 -1.59
C LEU A 4 7.81 0.99 -0.88
N LYS A 5 8.77 1.89 -1.04
CA LYS A 5 10.09 1.73 -0.45
C LYS A 5 10.05 2.17 1.01
N THR A 6 9.22 3.16 1.26
CA THR A 6 9.19 3.83 2.52
C THR A 6 8.45 3.05 3.58
N ARG A 7 9.03 3.05 4.77
CA ARG A 7 8.42 2.45 5.93
C ARG A 7 7.74 3.56 6.72
N ILE A 8 6.42 3.42 6.88
CA ILE A 8 5.61 4.44 7.53
C ILE A 8 5.36 4.16 9.02
N ILE A 9 5.59 5.18 9.83
CA ILE A 9 5.32 5.11 11.25
C ILE A 9 4.35 6.23 11.59
N GLU A 10 3.17 5.89 12.11
CA GLU A 10 2.14 6.88 12.34
C GLU A 10 1.64 6.81 13.78
N GLY A 11 0.96 7.86 14.21
CA GLY A 11 0.47 7.95 15.58
C GLY A 11 0.85 9.24 16.26
N GLU A 12 -0.08 9.74 17.09
CA GLU A 12 0.21 10.75 18.10
C GLU A 12 1.51 10.44 18.84
N GLY A 13 2.41 11.40 18.83
CA GLY A 13 3.64 11.27 19.59
C GLY A 13 4.64 10.34 18.95
N SER A 14 4.36 9.91 17.72
CA SER A 14 5.26 8.99 17.03
C SER A 14 6.63 9.59 16.71
N LEU A 15 6.77 10.91 16.83
CA LEU A 15 8.08 11.52 16.67
C LEU A 15 9.11 10.81 17.55
N SER A 16 8.68 10.33 18.71
CA SER A 16 9.60 9.74 19.68
C SER A 16 10.30 8.50 19.14
N ARG A 17 9.73 7.91 18.09
CA ARG A 17 10.30 6.73 17.44
C ARG A 17 11.55 7.07 16.63
N LEU A 18 11.83 8.37 16.48
CA LEU A 18 13.08 8.81 15.90
C LEU A 18 14.29 8.13 16.54
N SER A 19 14.19 7.83 17.83
CA SER A 19 15.30 7.26 18.59
C SER A 19 15.70 5.89 18.08
N ARG A 20 14.73 5.00 18.03
CA ARG A 20 14.93 3.70 17.44
C ARG A 20 15.58 3.88 16.08
N GLU A 21 15.07 4.84 15.29
CA GLU A 21 15.41 4.86 13.86
C GLU A 21 16.84 5.33 13.59
N VAL A 22 17.43 6.14 14.48
CA VAL A 22 18.76 6.66 14.25
C VAL A 22 19.87 5.81 14.90
N LYS A 23 19.47 4.83 15.69
CA LYS A 23 20.39 3.98 16.46
C LYS A 23 21.44 3.34 15.55
N GLY A 24 22.71 3.50 15.91
CA GLY A 24 23.80 2.97 15.11
C GLY A 24 24.18 3.87 13.95
N HIS A 25 23.67 5.11 13.98
CA HIS A 25 24.23 6.18 13.18
C HIS A 25 24.99 7.12 14.07
N GLU A 26 25.89 7.89 13.47
CA GLU A 26 26.83 8.67 14.25
C GLU A 26 26.57 10.16 14.13
N ARG A 27 26.35 10.62 12.91
CA ARG A 27 26.15 12.04 12.67
C ARG A 27 24.83 12.31 11.93
N VAL A 28 23.88 12.88 12.66
CA VAL A 28 22.58 13.19 12.13
C VAL A 28 22.42 14.68 11.89
N LEU A 29 22.04 15.02 10.65
CA LEU A 29 21.70 16.39 10.30
C LEU A 29 20.19 16.53 10.09
N ILE A 30 19.59 17.48 10.80
CA ILE A 30 18.16 17.77 10.65
C ILE A 30 17.98 19.09 9.91
N LEU A 31 17.25 19.02 8.81
CA LEU A 31 16.86 20.19 8.07
C LEU A 31 15.38 20.43 8.30
N ALA A 32 15.06 21.64 8.73
CA ALA A 32 13.76 21.94 9.33
C ALA A 32 13.23 23.28 8.83
N SER A 33 11.92 23.38 8.67
CA SER A 33 11.26 24.66 8.51
C SER A 33 11.37 25.51 9.78
N GLY A 34 11.23 26.82 9.61
CA GLY A 34 11.20 27.75 10.73
C GLY A 34 10.12 27.43 11.76
N SER A 35 8.96 27.00 11.26
CA SER A 35 7.83 26.72 12.16
C SER A 35 8.13 25.55 13.11
N MET A 36 8.98 24.63 12.70
CA MET A 36 9.31 23.50 13.55
C MET A 36 10.26 23.89 14.67
N LYS A 37 11.07 24.90 14.43
CA LYS A 37 11.85 25.50 15.50
C LYS A 37 10.96 26.27 16.46
N ARG A 38 10.20 27.23 15.94
CA ARG A 38 9.37 28.08 16.78
C ARG A 38 8.42 27.30 17.68
N HIS A 39 7.89 26.18 17.18
CA HIS A 39 6.84 25.46 17.90
C HIS A 39 7.39 24.30 18.70
N GLY A 40 8.70 24.14 18.74
CA GLY A 40 9.31 23.28 19.75
C GLY A 40 9.63 21.85 19.31
N PHE A 41 9.11 21.47 18.15
CA PHE A 41 9.32 20.12 17.64
C PHE A 41 10.77 19.83 17.25
N LEU A 42 11.52 20.86 16.90
CA LEU A 42 12.90 20.70 16.51
C LEU A 42 13.77 20.30 17.70
N SER A 43 13.53 20.93 18.85
CA SER A 43 14.23 20.57 20.09
C SER A 43 13.88 19.16 20.50
N GLU A 44 12.60 18.85 20.42
CA GLU A 44 12.14 17.51 20.75
C GLU A 44 12.90 16.45 19.93
N ALA A 45 13.05 16.71 18.63
CA ALA A 45 13.66 15.75 17.74
C ALA A 45 15.14 15.60 18.06
N GLU A 46 15.81 16.73 18.24
CA GLU A 46 17.19 16.73 18.69
C GLU A 46 17.40 15.91 19.95
N ASP A 47 16.52 16.06 20.93
CA ASP A 47 16.61 15.30 22.16
C ASP A 47 16.58 13.81 21.87
N TYR A 48 15.67 13.39 20.99
CA TYR A 48 15.59 11.98 20.65
C TYR A 48 16.85 11.48 19.96
N VAL A 49 17.40 12.28 19.07
CA VAL A 49 18.62 11.88 18.38
C VAL A 49 19.76 11.69 19.39
N LYS A 50 19.92 12.66 20.28
CA LYS A 50 20.93 12.60 21.32
C LYS A 50 20.86 11.33 22.16
N GLU A 51 19.68 10.99 22.63
CA GLU A 51 19.55 9.87 23.54
C GLU A 51 19.70 8.52 22.82
N ALA A 52 19.79 8.55 21.49
CA ALA A 52 20.20 7.36 20.75
C ALA A 52 21.72 7.31 20.57
N GLY A 53 22.41 8.34 21.03
CA GLY A 53 23.86 8.32 21.08
C GLY A 53 24.50 8.95 19.86
N ALA A 54 23.71 9.65 19.05
CA ALA A 54 24.25 10.26 17.85
C ALA A 54 24.58 11.71 18.14
N GLU A 55 25.54 12.23 17.38
CA GLU A 55 25.74 13.67 17.28
C GLU A 55 24.66 14.24 16.36
N VAL A 56 24.06 15.35 16.76
CA VAL A 56 22.99 15.94 15.96
C VAL A 56 23.37 17.37 15.58
N PHE A 57 22.95 17.80 14.39
CA PHE A 57 23.12 19.17 13.97
C PHE A 57 21.92 19.62 13.13
N SER A 58 21.37 20.78 13.47
CA SER A 58 20.13 21.25 12.88
C SER A 58 20.34 22.53 12.12
N ILE A 59 19.69 22.64 10.96
CA ILE A 59 19.53 23.91 10.28
C ILE A 59 18.04 24.17 10.07
N ALA A 60 17.56 25.31 10.56
CA ALA A 60 16.17 25.66 10.46
C ALA A 60 16.00 26.84 9.51
N GLY A 61 14.78 27.11 9.08
CA GLY A 61 14.49 28.29 8.27
C GLY A 61 14.58 28.03 6.77
N LEU A 62 14.53 26.76 6.36
CA LEU A 62 14.54 26.45 4.92
C LEU A 62 13.29 26.99 4.23
N PRO A 63 13.45 27.57 3.05
CA PRO A 63 12.39 28.36 2.41
C PRO A 63 11.34 27.52 1.71
N ALA A 64 10.11 28.04 1.68
CA ALA A 64 9.02 27.43 0.91
C ALA A 64 9.25 27.62 -0.58
N GLU A 65 8.81 26.64 -1.36
CA GLU A 65 8.83 26.73 -2.82
C GLU A 65 10.26 27.05 -3.31
N PRO A 66 11.21 26.18 -2.94
CA PRO A 66 12.63 26.43 -3.17
C PRO A 66 12.96 26.43 -4.64
N SER A 67 13.96 27.23 -4.99
CA SER A 67 14.55 27.17 -6.31
C SER A 67 15.92 26.51 -6.22
N VAL A 68 16.59 26.43 -7.35
CA VAL A 68 17.83 25.69 -7.47
C VAL A 68 18.96 26.25 -6.59
N GLU A 69 18.93 27.55 -6.29
CA GLU A 69 20.06 28.19 -5.60
C GLU A 69 20.10 27.78 -4.13
N VAL A 70 19.02 27.18 -3.67
CA VAL A 70 18.95 26.68 -2.31
C VAL A 70 20.05 25.63 -2.11
N ILE A 71 20.42 24.96 -3.19
CA ILE A 71 21.40 23.88 -3.11
C ILE A 71 22.77 24.43 -2.73
N GLU A 72 23.19 25.52 -3.38
CA GLU A 72 24.50 26.08 -3.14
C GLU A 72 24.56 26.75 -1.78
N GLU A 73 23.44 27.26 -1.30
CA GLU A 73 23.41 27.78 0.05
C GLU A 73 23.82 26.69 1.03
N PHE A 74 23.16 25.53 0.95
CA PHE A 74 23.17 24.61 2.07
C PHE A 74 24.16 23.46 1.91
N LEU A 75 24.51 23.12 0.67
CA LEU A 75 25.40 21.99 0.42
C LEU A 75 26.74 22.06 1.17
N PRO A 76 27.40 23.23 1.15
CA PRO A 76 28.65 23.37 1.90
C PRO A 76 28.50 23.02 3.38
N LYS A 77 27.35 23.37 3.97
CA LYS A 77 27.10 23.09 5.38
C LYS A 77 26.88 21.59 5.62
N VAL A 78 26.20 20.94 4.68
CA VAL A 78 26.09 19.51 4.73
C VAL A 78 27.44 18.81 4.59
N ARG A 79 28.29 19.29 3.68
CA ARG A 79 29.60 18.66 3.49
C ARG A 79 30.46 18.81 4.71
N GLU A 80 30.48 20.02 5.26
CA GLU A 80 31.23 20.27 6.47
C GLU A 80 30.86 19.31 7.60
N PHE A 81 29.56 19.11 7.85
CA PHE A 81 29.13 18.26 8.95
C PHE A 81 29.32 16.76 8.67
N GLY A 82 29.13 16.36 7.42
CA GLY A 82 29.33 14.97 7.03
C GLY A 82 28.36 14.02 7.71
N PRO A 83 27.06 14.27 7.57
CA PRO A 83 26.08 13.38 8.20
C PRO A 83 26.08 11.98 7.57
N ASP A 84 25.68 10.98 8.36
CA ASP A 84 25.34 9.69 7.77
C ASP A 84 23.83 9.41 7.83
N LEU A 85 23.06 10.40 8.27
CA LEU A 85 21.60 10.32 8.22
C LEU A 85 21.01 11.71 8.09
N LEU A 86 20.14 11.89 7.09
CA LEU A 86 19.42 13.13 6.90
C LEU A 86 18.00 12.99 7.40
N VAL A 87 17.56 13.96 8.18
CA VAL A 87 16.17 14.06 8.62
C VAL A 87 15.57 15.35 8.09
N ALA A 88 14.39 15.28 7.49
CA ALA A 88 13.67 16.46 7.02
C ALA A 88 12.39 16.64 7.81
N MET A 89 12.23 17.79 8.46
CA MET A 89 11.07 18.04 9.28
C MET A 89 10.44 19.38 8.87
N GLY A 90 9.31 19.29 8.17
CA GLY A 90 8.74 20.46 7.53
C GLY A 90 7.71 20.08 6.47
N GLY A 91 7.36 21.02 5.62
CA GLY A 91 6.43 20.75 4.54
C GLY A 91 7.13 20.07 3.39
N GLY A 92 6.44 19.96 2.27
CA GLY A 92 7.03 19.38 1.05
C GLY A 92 8.24 20.13 0.58
N SER A 93 8.27 21.44 0.81
CA SER A 93 9.41 22.24 0.41
C SER A 93 10.68 21.76 1.09
N VAL A 94 10.61 21.56 2.39
CA VAL A 94 11.78 21.18 3.19
C VAL A 94 12.26 19.79 2.81
N ILE A 95 11.29 18.91 2.61
CA ILE A 95 11.56 17.55 2.24
C ILE A 95 12.15 17.48 0.83
N ASP A 96 11.62 18.27 -0.10
CA ASP A 96 12.17 18.31 -1.44
C ASP A 96 13.58 18.85 -1.46
N THR A 97 13.86 19.84 -0.61
CA THR A 97 15.19 20.43 -0.56
C THR A 97 16.22 19.46 0.03
N THR A 98 15.76 18.68 0.99
CA THR A 98 16.60 17.66 1.58
C THR A 98 16.93 16.52 0.62
N LYS A 99 15.93 16.06 -0.13
CA LYS A 99 16.17 15.05 -1.16
C LYS A 99 17.19 15.53 -2.18
N ALA A 100 17.03 16.76 -2.65
CA ALA A 100 17.95 17.32 -3.63
C ALA A 100 19.36 17.39 -3.04
N LEU A 101 19.47 17.83 -1.79
CA LEU A 101 20.75 17.83 -1.12
C LEU A 101 21.39 16.45 -1.08
N LYS A 102 20.58 15.43 -0.83
CA LYS A 102 21.10 14.07 -0.74
C LYS A 102 21.81 13.70 -2.04
N VAL A 103 21.21 14.10 -3.17
CA VAL A 103 21.71 13.73 -4.47
C VAL A 103 23.11 14.29 -4.69
N PHE A 104 23.28 15.58 -4.38
CA PHE A 104 24.54 16.28 -4.64
C PHE A 104 25.57 16.01 -3.54
N TYR A 105 25.08 15.55 -2.40
CA TYR A 105 25.96 15.08 -1.33
C TYR A 105 26.60 13.74 -1.69
N ASP A 106 25.78 12.79 -2.17
CA ASP A 106 26.25 11.44 -2.44
C ASP A 106 26.91 11.33 -3.80
N ALA A 107 26.52 12.20 -4.73
CA ALA A 107 26.98 12.07 -6.10
C ALA A 107 27.43 13.43 -6.64
N PRO A 108 28.64 13.86 -6.27
CA PRO A 108 28.97 15.28 -6.37
C PRO A 108 29.16 15.75 -7.81
N GLU A 109 29.40 14.84 -8.74
CA GLU A 109 29.58 15.23 -10.12
C GLU A 109 28.31 15.73 -10.82
N LEU A 110 27.13 15.40 -10.29
CA LEU A 110 25.87 15.68 -10.99
C LEU A 110 25.56 17.16 -10.82
N ASN A 111 24.93 17.77 -11.83
CA ASN A 111 24.13 18.94 -11.56
C ASN A 111 22.70 18.91 -12.10
N PHE A 112 21.93 19.87 -11.62
CA PHE A 112 20.50 19.92 -11.78
C PHE A 112 20.10 19.76 -13.24
N GLY A 113 20.83 20.43 -14.12
CA GLY A 113 20.49 20.48 -15.55
C GLY A 113 20.60 19.16 -16.26
N GLU A 114 21.60 18.36 -15.88
CA GLU A 114 21.73 16.97 -16.37
C GLU A 114 20.54 16.09 -16.00
N ILE A 115 20.13 16.16 -14.73
CA ILE A 115 19.39 15.05 -14.14
C ILE A 115 17.89 15.33 -14.01
N ALA A 116 17.50 16.60 -14.12
CA ALA A 116 16.10 17.00 -14.01
C ALA A 116 15.30 16.70 -15.30
N PHE A 117 14.01 16.44 -15.14
CA PHE A 117 13.12 16.23 -16.27
C PHE A 117 12.70 17.56 -16.85
N ILE A 118 13.58 18.14 -17.65
CA ILE A 118 13.34 19.45 -18.21
C ILE A 118 12.41 19.32 -19.41
N ASP A 119 12.69 18.34 -20.25
CA ASP A 119 12.00 18.19 -21.51
C ASP A 119 11.69 16.72 -21.73
N ARG A 120 10.42 16.40 -21.92
CA ARG A 120 10.03 15.02 -22.07
C ARG A 120 10.52 14.41 -23.39
N PHE A 121 11.09 15.24 -24.27
CA PHE A 121 11.67 14.76 -25.52
C PHE A 121 13.19 14.63 -25.45
N SER A 122 13.79 14.87 -24.28
CA SER A 122 15.19 14.47 -24.01
C SER A 122 15.28 13.63 -22.76
N LYS A 123 16.05 12.54 -22.83
CA LYS A 123 16.32 11.69 -21.67
C LYS A 123 17.34 12.38 -20.76
N PRO A 124 17.00 12.60 -19.48
CA PRO A 124 18.05 13.08 -18.59
C PRO A 124 19.02 11.94 -18.26
N LYS A 125 20.22 12.32 -17.83
CA LYS A 125 21.20 11.36 -17.32
C LYS A 125 20.65 10.72 -16.05
N PRO A 126 20.80 9.39 -15.89
CA PRO A 126 20.26 8.76 -14.69
C PRO A 126 21.05 9.07 -13.41
N VAL A 127 20.36 9.00 -12.29
CA VAL A 127 20.98 9.22 -11.00
C VAL A 127 21.49 7.88 -10.52
N PRO A 128 22.77 7.81 -10.13
CA PRO A 128 23.34 6.55 -9.65
C PRO A 128 22.81 6.19 -8.27
N ARG A 129 23.18 5.00 -7.79
CA ARG A 129 22.78 4.59 -6.46
CA ARG A 129 22.78 4.59 -6.46
C ARG A 129 23.37 5.55 -5.44
N LEU A 130 22.50 6.06 -4.56
CA LEU A 130 22.94 6.91 -3.47
C LEU A 130 23.01 6.05 -2.23
N LYS A 131 23.32 6.65 -1.09
CA LYS A 131 23.61 5.81 0.06
C LYS A 131 23.13 6.37 1.37
N THR A 132 23.03 7.69 1.47
CA THR A 132 22.70 8.29 2.75
C THR A 132 21.22 8.10 3.04
N LEU A 133 20.93 7.65 4.24
CA LEU A 133 19.57 7.41 4.67
C LEU A 133 18.82 8.71 4.86
N LEU A 134 17.52 8.67 4.56
CA LEU A 134 16.68 9.86 4.66
C LEU A 134 15.35 9.54 5.38
N ILE A 135 15.08 10.28 6.45
CA ILE A 135 13.83 10.16 7.20
C ILE A 135 13.03 11.44 7.03
N ALA A 136 11.80 11.32 6.50
CA ALA A 136 10.93 12.48 6.25
C ALA A 136 9.83 12.57 7.33
N ILE A 137 9.59 13.77 7.81
CA ILE A 137 8.63 14.00 8.89
C ILE A 137 7.78 15.21 8.53
N PRO A 138 6.72 14.99 7.75
CA PRO A 138 6.01 16.13 7.18
C PRO A 138 5.25 16.88 8.26
N SER A 139 5.11 18.20 8.08
CA SER A 139 4.41 19.03 9.02
C SER A 139 3.22 19.72 8.37
N THR A 140 3.01 19.47 7.08
CA THR A 140 1.78 19.88 6.44
C THR A 140 1.02 18.65 6.00
N SER A 141 -0.15 18.86 5.41
CA SER A 141 -1.04 17.76 5.06
C SER A 141 -1.78 18.04 3.76
N GLY A 142 -1.07 18.00 2.63
CA GLY A 142 0.34 17.63 2.58
C GLY A 142 0.76 17.31 1.15
N ALA A 143 2.07 17.37 0.89
CA ALA A 143 2.60 17.22 -0.46
C ALA A 143 2.79 15.74 -0.86
N GLY A 144 2.81 14.86 0.13
CA GLY A 144 3.09 13.45 -0.14
C GLY A 144 4.54 13.16 -0.47
N SER A 145 5.41 14.15 -0.29
CA SER A 145 6.82 14.00 -0.63
C SER A 145 7.52 12.99 0.28
N GLU A 146 6.96 12.76 1.46
CA GLU A 146 7.53 11.82 2.40
C GLU A 146 7.54 10.37 1.91
N VAL A 147 6.80 10.08 0.84
CA VAL A 147 6.88 8.75 0.22
C VAL A 147 7.20 8.77 -1.27
N SER A 148 7.27 9.95 -1.88
CA SER A 148 7.49 10.01 -3.32
C SER A 148 8.96 9.99 -3.71
N GLY A 149 9.22 9.64 -4.96
CA GLY A 149 10.56 9.63 -5.50
C GLY A 149 10.93 10.91 -6.23
N ALA A 150 10.20 11.99 -5.93
CA ALA A 150 10.37 13.24 -6.67
C ALA A 150 10.82 14.35 -5.76
N SER A 151 11.56 15.28 -6.35
CA SER A 151 11.91 16.53 -5.72
C SER A 151 11.62 17.62 -6.73
N VAL A 152 10.91 18.67 -6.31
CA VAL A 152 10.47 19.72 -7.23
C VAL A 152 11.15 21.06 -6.90
N LEU A 153 11.95 21.55 -7.85
CA LEU A 153 12.71 22.78 -7.67
C LEU A 153 12.37 23.80 -8.77
N LYS A 154 12.37 25.07 -8.41
CA LYS A 154 12.17 26.14 -9.38
C LYS A 154 13.48 26.58 -10.00
N LYS A 155 13.45 26.80 -11.31
CA LYS A 155 14.50 27.53 -12.01
C LYS A 155 13.83 28.50 -12.96
N GLY A 156 14.02 29.79 -12.70
CA GLY A 156 13.46 30.84 -13.56
C GLY A 156 11.96 30.90 -13.47
N GLY A 157 11.44 30.74 -12.26
CA GLY A 157 10.00 30.87 -12.01
C GLY A 157 9.20 29.62 -12.34
N VAL A 158 9.89 28.58 -12.80
CA VAL A 158 9.22 27.41 -13.33
C VAL A 158 9.71 26.15 -12.61
N LYS A 159 8.78 25.26 -12.26
CA LYS A 159 9.10 24.06 -11.51
C LYS A 159 9.50 22.91 -12.45
N TYR A 160 10.61 22.26 -12.11
CA TYR A 160 10.99 21.00 -12.72
C TYR A 160 11.15 19.91 -11.66
N ASN A 161 11.04 18.66 -12.10
CA ASN A 161 11.17 17.49 -11.23
C ASN A 161 12.54 16.84 -11.39
N ILE A 162 13.12 16.42 -10.28
CA ILE A 162 14.04 15.28 -10.25
C ILE A 162 13.27 14.03 -9.80
N VAL A 163 13.42 12.94 -10.55
CA VAL A 163 12.67 11.73 -10.26
C VAL A 163 13.57 10.49 -10.25
N THR A 164 13.66 9.86 -9.09
CA THR A 164 14.41 8.62 -8.90
C THR A 164 13.99 7.97 -7.60
N PRO A 165 13.92 6.63 -7.62
CA PRO A 165 13.62 5.89 -6.40
C PRO A 165 14.69 6.05 -5.32
N GLU A 166 15.85 6.57 -5.71
CA GLU A 166 16.95 6.70 -4.77
C GLU A 166 16.65 7.77 -3.72
N ILE A 167 15.76 8.70 -4.04
CA ILE A 167 15.40 9.77 -3.10
C ILE A 167 14.02 9.60 -2.47
N ALA A 168 13.33 8.52 -2.79
CA ALA A 168 12.19 8.15 -1.96
C ALA A 168 12.69 7.97 -0.52
N PRO A 169 12.01 8.59 0.45
CA PRO A 169 12.55 8.43 1.80
C PRO A 169 12.54 6.99 2.29
N ASP A 170 13.45 6.68 3.20
CA ASP A 170 13.52 5.34 3.79
C ASP A 170 12.45 5.14 4.85
N VAL A 171 12.16 6.21 5.59
CA VAL A 171 11.21 6.14 6.69
C VAL A 171 10.43 7.44 6.68
N ALA A 172 9.12 7.35 6.89
CA ALA A 172 8.29 8.54 7.11
C ALA A 172 7.59 8.42 8.45
N ILE A 173 7.70 9.47 9.26
CA ILE A 173 7.05 9.55 10.54
C ILE A 173 5.90 10.54 10.47
N LEU A 174 4.70 10.06 10.78
CA LEU A 174 3.49 10.85 10.70
C LEU A 174 2.92 11.05 12.10
N ASP A 175 3.22 12.20 12.68
CA ASP A 175 2.77 12.58 14.01
C ASP A 175 1.89 13.81 13.88
N PRO A 176 0.59 13.67 14.14
CA PRO A 176 -0.34 14.74 13.80
C PRO A 176 -0.29 15.94 14.74
N ARG A 177 0.51 15.88 15.80
CA ARG A 177 0.79 17.08 16.59
C ARG A 177 1.38 18.19 15.71
N LEU A 178 2.20 17.79 14.74
CA LEU A 178 2.95 18.75 13.94
C LEU A 178 2.05 19.59 13.04
N PRO A 179 1.12 18.95 12.31
CA PRO A 179 0.28 19.73 11.39
C PRO A 179 -0.81 20.52 12.10
N ARG A 180 -1.00 20.25 13.39
CA ARG A 180 -1.95 21.02 14.20
C ARG A 180 -1.57 22.48 14.39
N THR A 181 -0.30 22.83 14.19
CA THR A 181 0.11 24.24 14.25
C THR A 181 0.05 24.95 12.90
N MET A 182 -0.36 24.27 11.84
CA MET A 182 -0.58 24.96 10.56
C MET A 182 -1.59 26.07 10.80
N PRO A 183 -1.33 27.27 10.24
CA PRO A 183 -2.38 28.25 10.01
C PRO A 183 -3.43 27.75 9.01
N PRO A 184 -4.62 28.35 9.02
CA PRO A 184 -5.74 27.80 8.28
C PRO A 184 -5.49 27.77 6.78
N GLU A 185 -4.81 28.80 6.29
CA GLU A 185 -4.55 28.91 4.85
C GLU A 185 -3.58 27.83 4.39
N VAL A 186 -2.59 27.55 5.22
CA VAL A 186 -1.64 26.48 4.95
C VAL A 186 -2.35 25.14 4.99
N ALA A 187 -3.28 24.96 5.93
CA ALA A 187 -4.07 23.72 6.01
C ALA A 187 -4.91 23.56 4.75
N ARG A 188 -5.56 24.65 4.35
CA ARG A 188 -6.38 24.66 3.13
C ARG A 188 -5.56 24.29 1.90
N ASN A 189 -4.47 25.00 1.69
CA ASN A 189 -3.68 24.82 0.46
C ASN A 189 -3.07 23.45 0.34
N SER A 190 -2.44 22.96 1.40
CA SER A 190 -1.87 21.63 1.38
C SER A 190 -2.97 20.56 1.34
N GLY A 191 -4.14 20.86 1.90
CA GLY A 191 -5.25 19.89 1.91
C GLY A 191 -5.87 19.70 0.54
N LEU A 192 -5.94 20.76 -0.24
CA LEU A 192 -6.51 20.68 -1.57
C LEU A 192 -5.56 19.98 -2.54
N ASP A 193 -4.28 20.09 -2.27
CA ASP A 193 -3.30 19.28 -2.99
C ASP A 193 -3.51 17.77 -2.80
N VAL A 194 -3.98 17.36 -1.63
CA VAL A 194 -4.27 15.94 -1.41
C VAL A 194 -5.39 15.52 -2.34
N LEU A 195 -6.43 16.35 -2.40
CA LEU A 195 -7.57 16.08 -3.26
C LEU A 195 -7.15 16.01 -4.75
N VAL A 196 -6.28 16.91 -5.16
CA VAL A 196 -5.87 16.96 -6.56
C VAL A 196 -5.00 15.75 -6.88
N HIS A 197 -4.07 15.44 -5.99
CA HIS A 197 -3.27 14.23 -6.14
C HIS A 197 -4.16 13.03 -6.38
N GLY A 198 -5.17 12.89 -5.53
CA GLY A 198 -5.99 11.69 -5.53
C GLY A 198 -6.76 11.55 -6.83
N ILE A 199 -7.30 12.67 -7.31
CA ILE A 199 -8.12 12.66 -8.51
C ILE A 199 -7.27 12.43 -9.77
N GLU A 200 -6.08 13.01 -9.81
CA GLU A 200 -5.20 12.79 -10.95
C GLU A 200 -4.62 11.38 -10.93
N ALA A 201 -4.28 10.89 -9.74
CA ALA A 201 -3.72 9.55 -9.65
C ALA A 201 -4.74 8.50 -10.07
N TYR A 202 -6.01 8.77 -9.81
CA TYR A 202 -7.05 7.83 -10.14
C TYR A 202 -7.29 7.73 -11.64
N THR A 203 -6.88 8.76 -12.39
CA THR A 203 -7.28 8.89 -13.78
C THR A 203 -6.11 8.92 -14.77
N THR A 204 -4.92 8.56 -14.33
CA THR A 204 -3.81 8.44 -15.27
C THR A 204 -3.94 7.14 -16.04
N LYS A 205 -3.08 6.97 -17.02
CA LYS A 205 -3.06 5.78 -17.86
C LYS A 205 -2.42 4.61 -17.16
N VAL A 206 -1.75 4.84 -16.04
CA VAL A 206 -1.06 3.75 -15.35
C VAL A 206 -1.59 3.52 -13.94
N ALA A 207 -2.78 4.01 -13.64
CA ALA A 207 -3.50 3.64 -12.44
C ALA A 207 -3.57 2.10 -12.32
N SER A 208 -3.33 1.59 -11.12
CA SER A 208 -3.65 0.20 -10.83
C SER A 208 -4.72 0.15 -9.75
N PRO A 209 -5.26 -1.04 -9.49
CA PRO A 209 -6.22 -1.21 -8.42
C PRO A 209 -5.58 -0.90 -7.06
N PHE A 210 -4.27 -1.10 -6.95
CA PHE A 210 -3.58 -0.89 -5.69
C PHE A 210 -3.43 0.58 -5.39
N SER A 211 -3.10 1.37 -6.40
CA SER A 211 -2.99 2.79 -6.20
C SER A 211 -4.37 3.41 -6.10
N ASP A 212 -5.35 2.78 -6.75
CA ASP A 212 -6.74 3.22 -6.68
C ASP A 212 -7.27 3.20 -5.26
N ALA A 213 -6.98 2.13 -4.53
CA ALA A 213 -7.40 1.99 -3.14
C ALA A 213 -6.98 3.17 -2.26
N MET A 214 -5.72 3.55 -2.41
CA MET A 214 -5.15 4.65 -1.64
C MET A 214 -5.75 5.96 -2.11
N ALA A 215 -5.88 6.09 -3.42
CA ALA A 215 -6.39 7.35 -4.00
C ALA A 215 -7.80 7.60 -3.51
N ILE A 216 -8.64 6.58 -3.55
CA ILE A 216 -10.06 6.75 -3.22
C ILE A 216 -10.26 7.10 -1.75
N LYS A 217 -9.51 6.44 -0.87
CA LYS A 217 -9.62 6.72 0.55
C LYS A 217 -9.17 8.14 0.91
N ALA A 218 -8.09 8.60 0.28
CA ALA A 218 -7.64 9.97 0.46
C ALA A 218 -8.70 10.97 0.04
N ILE A 219 -9.29 10.78 -1.12
CA ILE A 219 -10.35 11.67 -1.57
C ILE A 219 -11.51 11.73 -0.58
N LYS A 220 -12.03 10.58 -0.19
CA LYS A 220 -13.15 10.54 0.74
C LYS A 220 -12.80 11.27 2.03
N THR A 221 -11.63 10.98 2.55
CA THR A 221 -11.24 11.54 3.82
C THR A 221 -11.16 13.05 3.75
N VAL A 222 -10.56 13.56 2.68
CA VAL A 222 -10.45 15.00 2.51
C VAL A 222 -11.82 15.63 2.39
N TYR A 223 -12.61 15.07 1.48
CA TYR A 223 -13.91 15.65 1.19
C TYR A 223 -14.71 15.80 2.48
N ARG A 224 -14.60 14.81 3.36
CA ARG A 224 -15.37 14.82 4.60
C ARG A 224 -14.71 15.65 5.71
N TRP A 225 -13.38 15.74 5.74
CA TRP A 225 -12.74 16.27 6.94
C TRP A 225 -12.05 17.64 6.81
N LEU A 226 -11.82 18.09 5.59
CA LEU A 226 -10.93 19.22 5.39
C LEU A 226 -11.55 20.53 5.89
N PRO A 227 -12.87 20.71 5.65
CA PRO A 227 -13.52 21.89 6.18
C PRO A 227 -13.36 22.04 7.69
N LEU A 228 -13.46 20.93 8.40
CA LEU A 228 -13.36 20.95 9.86
C LEU A 228 -11.91 21.16 10.28
N SER A 229 -10.99 20.57 9.53
CA SER A 229 -9.57 20.75 9.81
C SER A 229 -9.16 22.20 9.64
N VAL A 230 -9.67 22.83 8.59
CA VAL A 230 -9.31 24.20 8.31
C VAL A 230 -9.75 25.10 9.45
N LYS A 231 -10.83 24.70 10.12
CA LYS A 231 -11.34 25.45 11.27
C LYS A 231 -10.60 25.13 12.58
N GLY A 232 -9.81 24.08 12.58
CA GLY A 232 -8.91 23.82 13.69
C GLY A 232 -9.24 22.59 14.51
N ASP A 233 -10.23 21.81 14.07
CA ASP A 233 -10.51 20.54 14.72
C ASP A 233 -9.30 19.60 14.71
N GLU A 234 -9.01 19.05 15.88
CA GLU A 234 -7.77 18.34 16.13
C GLU A 234 -7.80 16.94 15.55
N GLU A 235 -8.98 16.33 15.61
CA GLU A 235 -9.19 15.03 15.02
C GLU A 235 -9.09 15.11 13.50
N ALA A 236 -9.76 16.10 12.93
CA ALA A 236 -9.80 16.27 11.49
C ALA A 236 -8.38 16.53 10.95
N ARG A 237 -7.54 17.19 11.74
CA ARG A 237 -6.15 17.37 11.34
C ARG A 237 -5.43 16.03 11.21
N ALA A 238 -5.66 15.13 12.16
CA ALA A 238 -5.00 13.83 12.13
C ALA A 238 -5.47 13.06 10.91
N ARG A 239 -6.77 13.10 10.65
CA ARG A 239 -7.31 12.31 9.56
C ARG A 239 -6.77 12.75 8.22
N VAL A 240 -6.64 14.05 8.02
CA VAL A 240 -6.17 14.57 6.75
C VAL A 240 -4.67 14.43 6.61
N HIS A 241 -3.99 14.36 7.74
CA HIS A 241 -2.58 14.10 7.72
C HIS A 241 -2.30 12.73 7.14
N TYR A 242 -3.02 11.70 7.58
CA TYR A 242 -2.80 10.36 7.06
C TYR A 242 -3.26 10.23 5.59
N ALA A 243 -4.31 10.96 5.22
CA ALA A 243 -4.78 10.97 3.85
C ALA A 243 -3.72 11.51 2.87
N ALA A 244 -2.96 12.51 3.30
CA ALA A 244 -2.00 13.16 2.42
C ALA A 244 -0.95 12.15 1.98
N THR A 245 -0.52 11.32 2.92
CA THR A 245 0.44 10.26 2.64
C THR A 245 -0.19 9.14 1.77
N MET A 246 -1.45 8.81 2.02
CA MET A 246 -2.21 7.90 1.15
C MET A 246 -2.17 8.37 -0.31
N ALA A 247 -2.50 9.64 -0.53
CA ALA A 247 -2.46 10.22 -1.87
C ALA A 247 -1.05 10.15 -2.45
N GLY A 248 -0.04 10.34 -1.61
CA GLY A 248 1.34 10.25 -2.06
C GLY A 248 1.72 8.85 -2.51
N ILE A 249 1.24 7.85 -1.79
CA ILE A 249 1.49 6.48 -2.17
C ILE A 249 0.84 6.20 -3.51
N ALA A 250 -0.38 6.70 -3.68
CA ALA A 250 -1.06 6.55 -4.97
C ALA A 250 -0.25 7.17 -6.10
N PHE A 251 0.17 8.42 -5.94
CA PHE A 251 0.80 9.13 -7.06
C PHE A 251 2.27 8.72 -7.24
N LEU A 252 2.88 8.20 -6.19
CA LEU A 252 4.17 7.53 -6.33
C LEU A 252 4.08 6.44 -7.39
N ASN A 253 2.96 5.73 -7.41
CA ASN A 253 2.78 4.58 -8.30
C ASN A 253 2.02 4.91 -9.60
N ALA A 254 0.98 5.73 -9.49
CA ALA A 254 0.14 6.05 -10.64
C ALA A 254 0.59 7.34 -11.35
N ARG A 255 1.51 8.07 -10.73
CA ARG A 255 1.95 9.37 -11.24
C ARG A 255 0.83 10.40 -11.20
N LEU A 256 1.01 11.49 -11.95
CA LEU A 256 0.03 12.58 -12.01
C LEU A 256 -0.14 13.06 -13.45
N GLY A 257 -0.90 14.13 -13.64
CA GLY A 257 -1.38 14.50 -14.96
C GLY A 257 -1.31 15.98 -15.27
N LEU A 258 -2.23 16.42 -16.11
CA LEU A 258 -2.14 17.73 -16.73
C LEU A 258 -2.24 18.86 -15.68
N CYS A 259 -3.04 18.66 -14.65
CA CYS A 259 -3.24 19.72 -13.65
C CYS A 259 -1.93 20.07 -12.92
N HIS A 260 -1.16 19.05 -12.56
CA HIS A 260 0.17 19.29 -11.99
C HIS A 260 1.17 19.90 -12.95
N ALA A 261 1.12 19.49 -14.23
CA ALA A 261 2.00 20.08 -15.23
C ALA A 261 1.74 21.58 -15.36
N MET A 262 0.46 21.95 -15.45
CA MET A 262 0.07 23.35 -15.59
C MET A 262 0.50 24.16 -14.36
N SER A 263 0.36 23.58 -13.18
CA SER A 263 0.75 24.27 -11.94
C SER A 263 2.26 24.46 -11.82
N HIS A 264 3.02 23.48 -12.31
CA HIS A 264 4.46 23.59 -12.36
C HIS A 264 4.90 24.81 -13.18
N LYS A 265 4.23 25.02 -14.31
CA LYS A 265 4.68 26.00 -15.27
C LYS A 265 4.04 27.37 -15.00
N ALA A 266 3.19 27.44 -13.98
CA ALA A 266 2.63 28.71 -13.52
C ALA A 266 3.08 29.02 -12.08
N ALA A 267 4.16 28.39 -11.64
CA ALA A 267 4.59 28.40 -10.24
C ALA A 267 4.93 29.82 -9.73
N TRP A 268 5.21 30.74 -10.65
CA TRP A 268 5.55 32.11 -10.29
C TRP A 268 4.34 32.90 -9.79
N ILE A 269 3.14 32.37 -10.02
CA ILE A 269 1.91 33.07 -9.65
C ILE A 269 1.58 32.95 -8.17
N GLY A 270 1.80 31.76 -7.61
CA GLY A 270 1.24 31.45 -6.32
C GLY A 270 1.67 30.12 -5.75
N PRO A 271 1.23 29.83 -4.52
CA PRO A 271 1.67 28.59 -3.91
C PRO A 271 1.00 27.39 -4.53
N HIS A 272 1.70 26.26 -4.49
CA HIS A 272 1.42 25.09 -5.32
C HIS A 272 -0.02 24.57 -5.16
N GLY A 273 -0.46 24.43 -3.92
CA GLY A 273 -1.73 23.78 -3.62
C GLY A 273 -2.88 24.63 -4.08
N LEU A 274 -2.68 25.95 -4.05
CA LEU A 274 -3.71 26.89 -4.43
C LEU A 274 -3.89 26.89 -5.94
N LEU A 275 -2.77 26.86 -6.66
CA LEU A 275 -2.79 26.80 -8.12
C LEU A 275 -3.43 25.52 -8.61
N ASN A 276 -3.10 24.41 -7.96
CA ASN A 276 -3.69 23.15 -8.34
C ASN A 276 -5.21 23.14 -8.18
N ALA A 277 -5.68 23.65 -7.05
CA ALA A 277 -7.12 23.76 -6.80
C ALA A 277 -7.83 24.59 -7.86
N VAL A 278 -7.20 25.69 -8.27
CA VAL A 278 -7.83 26.60 -9.23
C VAL A 278 -7.99 25.93 -10.59
N PHE A 279 -6.97 25.18 -11.01
CA PHE A 279 -6.94 24.62 -12.36
C PHE A 279 -7.80 23.37 -12.46
N LEU A 280 -7.89 22.62 -11.36
CA LEU A 280 -8.42 21.26 -11.43
C LEU A 280 -9.76 21.12 -12.18
N PRO A 281 -10.78 21.93 -11.80
CA PRO A 281 -12.11 21.79 -12.41
C PRO A 281 -12.11 21.98 -13.92
N TYR A 282 -11.23 22.86 -14.41
CA TYR A 282 -11.04 23.04 -15.85
C TYR A 282 -10.37 21.85 -16.51
N VAL A 283 -9.28 21.38 -15.93
CA VAL A 283 -8.63 20.17 -16.40
C VAL A 283 -9.62 19.00 -16.47
N MET A 284 -10.40 18.83 -15.42
CA MET A 284 -11.40 17.75 -15.36
C MET A 284 -12.42 17.84 -16.48
N GLU A 285 -12.93 19.04 -16.73
CA GLU A 285 -13.89 19.25 -17.80
C GLU A 285 -13.26 18.84 -19.12
N PHE A 286 -12.02 19.28 -19.32
CA PHE A 286 -11.31 19.01 -20.56
C PHE A 286 -11.12 17.50 -20.74
N ASN A 287 -10.59 16.83 -19.72
CA ASN A 287 -10.38 15.40 -19.82
C ASN A 287 -11.70 14.68 -20.04
N ALA A 288 -12.72 15.06 -19.28
CA ALA A 288 -14.00 14.39 -19.33
C ALA A 288 -14.66 14.48 -20.71
N SER A 289 -14.49 15.63 -21.37
CA SER A 289 -15.05 15.84 -22.71
C SER A 289 -14.28 15.11 -23.80
N LYS A 290 -13.01 14.80 -23.55
CA LYS A 290 -12.15 14.24 -24.57
C LYS A 290 -11.99 12.74 -24.42
N SER A 291 -12.31 12.20 -23.25
CA SER A 291 -11.95 10.82 -22.95
C SER A 291 -13.08 10.12 -22.19
N ASP A 292 -13.57 9.02 -22.74
CA ASP A 292 -14.59 8.23 -22.06
C ASP A 292 -14.00 7.56 -20.82
N TYR A 293 -12.76 7.12 -20.90
CA TYR A 293 -12.09 6.51 -19.75
C TYR A 293 -12.08 7.49 -18.56
N ALA A 294 -11.73 8.75 -18.83
CA ALA A 294 -11.69 9.75 -17.78
C ALA A 294 -13.09 10.00 -17.20
N ARG A 295 -14.09 10.00 -18.08
CA ARG A 295 -15.46 10.30 -17.70
C ARG A 295 -15.98 9.24 -16.76
N ARG A 296 -15.79 7.98 -17.14
CA ARG A 296 -16.24 6.87 -16.32
C ARG A 296 -15.53 6.83 -14.97
N ARG A 297 -14.26 7.24 -14.97
CA ARG A 297 -13.45 7.24 -13.77
C ARG A 297 -13.83 8.33 -12.78
N TYR A 298 -14.11 9.52 -13.30
CA TYR A 298 -14.70 10.58 -12.47
C TYR A 298 -16.05 10.18 -11.87
N ALA A 299 -16.82 9.39 -12.63
CA ALA A 299 -18.13 8.96 -12.16
C ALA A 299 -18.00 7.96 -11.02
N GLU A 300 -17.07 7.03 -11.16
CA GLU A 300 -16.72 6.12 -10.07
C GLU A 300 -16.42 6.90 -8.78
N ILE A 301 -15.63 7.95 -8.90
CA ILE A 301 -15.31 8.77 -7.75
C ILE A 301 -16.56 9.46 -7.22
N ALA A 302 -17.39 9.99 -8.13
CA ALA A 302 -18.64 10.64 -7.73
C ALA A 302 -19.52 9.68 -6.96
N ARG A 303 -19.67 8.47 -7.49
CA ARG A 303 -20.45 7.43 -6.80
C ARG A 303 -19.94 7.17 -5.40
N GLU A 304 -18.62 7.10 -5.24
CA GLU A 304 -18.02 6.80 -3.95
C GLU A 304 -18.29 7.90 -2.92
N LEU A 305 -18.51 9.12 -3.42
CA LEU A 305 -18.85 10.24 -2.56
C LEU A 305 -20.36 10.36 -2.40
N GLY A 306 -21.10 9.52 -3.11
CA GLY A 306 -22.55 9.48 -2.98
C GLY A 306 -23.29 10.32 -4.00
N PHE A 307 -22.60 10.68 -5.08
CA PHE A 307 -23.23 11.30 -6.24
C PHE A 307 -23.31 10.29 -7.38
N GLN A 308 -23.44 10.76 -8.62
CA GLN A 308 -23.71 9.85 -9.73
C GLN A 308 -22.79 10.02 -10.94
N THR A 309 -22.51 11.26 -11.33
CA THR A 309 -21.92 11.52 -12.64
C THR A 309 -20.56 12.21 -12.53
N ALA A 310 -19.83 12.22 -13.64
CA ALA A 310 -18.65 13.04 -13.77
C ALA A 310 -18.95 14.49 -13.42
N LYS A 311 -20.11 14.95 -13.87
CA LYS A 311 -20.47 16.36 -13.77
C LYS A 311 -20.65 16.74 -12.31
N ASP A 312 -21.24 15.82 -11.55
CA ASP A 312 -21.40 16.02 -10.11
C ASP A 312 -20.03 16.29 -9.48
N LEU A 313 -19.03 15.51 -9.90
CA LEU A 313 -17.72 15.59 -9.27
C LEU A 313 -17.12 16.97 -9.50
N ILE A 314 -17.25 17.46 -10.73
CA ILE A 314 -16.73 18.76 -11.07
C ILE A 314 -17.42 19.86 -10.26
N GLU A 315 -18.73 19.75 -10.12
CA GLU A 315 -19.49 20.68 -9.31
C GLU A 315 -19.09 20.60 -7.83
N VAL A 316 -18.89 19.39 -7.32
CA VAL A 316 -18.42 19.22 -5.95
C VAL A 316 -17.09 19.95 -5.71
N VAL A 317 -16.17 19.83 -6.66
CA VAL A 317 -14.85 20.43 -6.50
C VAL A 317 -14.95 21.96 -6.51
N LYS A 318 -15.81 22.47 -7.37
CA LYS A 318 -16.02 23.90 -7.46
C LYS A 318 -16.63 24.43 -6.17
N GLU A 319 -17.55 23.68 -5.59
CA GLU A 319 -18.24 24.15 -4.40
C GLU A 319 -17.31 24.13 -3.20
N LEU A 320 -16.42 23.16 -3.18
CA LEU A 320 -15.48 23.03 -2.09
C LEU A 320 -14.44 24.15 -2.13
N ASN A 321 -13.96 24.50 -3.33
CA ASN A 321 -13.08 25.66 -3.48
C ASN A 321 -13.74 26.94 -2.96
N GLU A 322 -15.01 27.14 -3.33
CA GLU A 322 -15.80 28.27 -2.84
C GLU A 322 -15.89 28.26 -1.31
N MET A 323 -16.37 27.16 -0.77
CA MET A 323 -16.55 27.04 0.66
C MET A 323 -15.26 27.35 1.41
N LEU A 324 -14.11 27.13 0.79
CA LEU A 324 -12.84 27.30 1.50
C LEU A 324 -12.13 28.60 1.16
N GLY A 325 -12.78 29.46 0.36
CA GLY A 325 -12.25 30.79 0.07
C GLY A 325 -11.05 30.81 -0.87
N VAL A 326 -10.97 29.82 -1.75
CA VAL A 326 -9.94 29.79 -2.80
C VAL A 326 -10.18 30.96 -3.74
N PRO A 327 -9.16 31.83 -3.93
CA PRO A 327 -9.36 32.97 -4.81
C PRO A 327 -9.48 32.58 -6.27
N LYS A 328 -10.18 33.40 -7.05
CA LYS A 328 -10.12 33.33 -8.52
C LYS A 328 -8.73 33.67 -9.01
N LEU A 329 -8.36 33.15 -10.19
CA LEU A 329 -7.02 33.34 -10.71
C LEU A 329 -6.73 34.83 -10.91
N GLY A 330 -7.77 35.58 -11.26
CA GLY A 330 -7.63 37.00 -11.60
C GLY A 330 -7.31 37.91 -10.41
N GLU A 331 -7.53 37.42 -9.20
CA GLU A 331 -7.12 38.13 -8.00
C GLU A 331 -5.62 38.04 -7.73
N LEU A 332 -4.98 37.01 -8.32
CA LEU A 332 -3.60 36.69 -7.99
C LEU A 332 -2.64 37.40 -8.94
N VAL A 333 -3.05 37.56 -10.19
CA VAL A 333 -2.16 38.09 -11.20
C VAL A 333 -2.93 38.98 -12.17
N ASP A 334 -2.32 40.10 -12.56
CA ASP A 334 -2.99 41.03 -13.48
C ASP A 334 -3.05 40.44 -14.88
N GLU A 335 -4.04 40.90 -15.64
CA GLU A 335 -4.42 40.30 -16.91
C GLU A 335 -3.30 40.40 -17.97
N GLU A 336 -2.69 41.58 -18.07
CA GLU A 336 -1.76 41.85 -19.15
C GLU A 336 -0.46 41.06 -18.96
N THR A 337 -0.07 40.82 -17.71
CA THR A 337 1.08 39.96 -17.42
C THR A 337 0.77 38.48 -17.69
N PHE A 338 -0.39 38.02 -17.23
CA PHE A 338 -0.82 36.64 -17.45
C PHE A 338 -0.88 36.35 -18.94
N ALA A 339 -1.48 37.28 -19.68
CA ALA A 339 -1.83 37.04 -21.07
C ALA A 339 -0.58 37.09 -21.93
N SER A 340 0.40 37.88 -21.49
CA SER A 340 1.71 37.94 -22.14
C SER A 340 2.57 36.69 -21.89
N LYS A 341 2.19 35.86 -20.92
CA LYS A 341 3.04 34.76 -20.48
C LYS A 341 2.48 33.42 -20.96
N VAL A 342 1.27 33.44 -21.53
CA VAL A 342 0.42 32.27 -21.59
C VAL A 342 0.84 31.28 -22.70
N GLU A 343 1.31 31.81 -23.83
CA GLU A 343 1.81 30.93 -24.90
C GLU A 343 3.05 30.17 -24.44
N GLU A 344 3.90 30.84 -23.66
CA GLU A 344 5.12 30.23 -23.16
C GLU A 344 4.85 29.16 -22.10
N MET A 345 3.91 29.44 -21.20
CA MET A 345 3.55 28.45 -20.19
C MET A 345 3.01 27.19 -20.87
N ALA A 346 2.22 27.40 -21.92
CA ALA A 346 1.52 26.32 -22.61
C ALA A 346 2.51 25.44 -23.33
N GLU A 347 3.46 26.07 -24.01
CA GLU A 347 4.49 25.36 -24.74
C GLU A 347 5.34 24.55 -23.77
N LYS A 348 5.72 25.16 -22.65
CA LYS A 348 6.53 24.47 -21.64
C LYS A 348 5.78 23.35 -20.92
N THR A 349 4.49 23.55 -20.71
CA THR A 349 3.64 22.54 -20.11
C THR A 349 3.59 21.31 -21.01
N TYR A 350 3.55 21.56 -22.32
CA TYR A 350 3.50 20.50 -23.31
C TYR A 350 4.74 19.61 -23.25
N HIS A 351 5.86 20.19 -22.83
CA HIS A 351 7.11 19.44 -22.73
C HIS A 351 7.29 18.76 -21.36
N ASP A 352 6.32 18.94 -20.46
CA ASP A 352 6.36 18.33 -19.12
C ASP A 352 6.07 16.84 -19.24
N GLY A 353 6.91 16.04 -18.58
CA GLY A 353 6.78 14.59 -18.64
C GLY A 353 5.44 14.09 -18.16
N LEU A 354 4.80 14.86 -17.29
CA LEU A 354 3.52 14.46 -16.73
C LEU A 354 2.39 14.37 -17.75
N ILE A 355 2.47 15.09 -18.87
CA ILE A 355 1.34 15.01 -19.83
C ILE A 355 1.28 13.64 -20.52
N ALA A 356 2.39 12.92 -20.52
CA ALA A 356 2.38 11.53 -21.01
C ALA A 356 1.49 10.63 -20.15
N PHE A 357 1.22 11.04 -18.91
CA PHE A 357 0.42 10.21 -18.01
C PHE A 357 -1.04 10.61 -18.01
N ASN A 358 -1.35 11.80 -18.52
CA ASN A 358 -2.73 12.27 -18.61
C ASN A 358 -3.55 11.38 -19.54
N PRO A 359 -4.87 11.28 -19.30
CA PRO A 359 -5.63 10.35 -20.12
C PRO A 359 -5.75 10.76 -21.58
N VAL A 360 -5.67 12.05 -21.89
CA VAL A 360 -5.44 12.49 -23.28
C VAL A 360 -4.25 13.43 -23.35
N GLU A 361 -3.58 13.42 -24.50
CA GLU A 361 -2.50 14.36 -24.73
C GLU A 361 -3.03 15.63 -25.38
N PRO A 362 -3.02 16.75 -24.63
CA PRO A 362 -3.44 18.00 -25.25
C PRO A 362 -2.40 18.55 -26.20
N LYS A 363 -2.85 19.41 -27.11
CA LYS A 363 -1.94 20.26 -27.89
C LYS A 363 -1.65 21.56 -27.15
N PRO A 364 -0.53 22.22 -27.49
CA PRO A 364 -0.21 23.45 -26.79
C PRO A 364 -1.34 24.48 -26.82
N GLU A 365 -2.08 24.58 -27.92
CA GLU A 365 -3.10 25.61 -28.01
C GLU A 365 -4.35 25.25 -27.20
N GLU A 366 -4.54 23.95 -26.95
CA GLU A 366 -5.55 23.51 -25.99
C GLU A 366 -5.18 23.84 -24.53
N ILE A 367 -3.90 23.65 -24.20
CA ILE A 367 -3.36 24.07 -22.91
C ILE A 367 -3.51 25.59 -22.72
N LYS A 368 -3.18 26.35 -23.77
CA LYS A 368 -3.29 27.80 -23.73
C LYS A 368 -4.73 28.23 -23.45
N GLU A 369 -5.68 27.58 -24.13
CA GLU A 369 -7.10 27.78 -23.86
C GLU A 369 -7.49 27.47 -22.41
N LEU A 370 -6.99 26.35 -21.89
CA LEU A 370 -7.25 25.99 -20.49
C LEU A 370 -6.83 27.10 -19.54
N TYR A 371 -5.61 27.61 -19.74
CA TYR A 371 -5.09 28.67 -18.90
C TYR A 371 -6.00 29.89 -18.92
N LEU A 372 -6.50 30.24 -20.11
CA LEU A 372 -7.28 31.46 -20.28
C LEU A 372 -8.69 31.30 -19.72
N LYS A 373 -9.29 30.12 -19.93
CA LYS A 373 -10.56 29.77 -19.28
C LYS A 373 -10.48 30.00 -17.79
N ALA A 374 -9.42 29.46 -17.19
CA ALA A 374 -9.25 29.51 -15.75
C ALA A 374 -9.11 30.96 -15.31
N TYR A 375 -8.44 31.76 -16.14
CA TYR A 375 -8.33 33.18 -15.87
C TYR A 375 -9.68 33.88 -15.89
N ARG A 376 -10.50 33.61 -16.91
CA ARG A 376 -11.83 34.22 -17.00
C ARG A 376 -12.74 33.75 -15.87
N GLY A 377 -12.39 32.63 -15.24
CA GLY A 377 -13.24 32.04 -14.21
C GLY A 377 -14.52 31.47 -14.80
N GLU A 378 -14.54 31.26 -16.12
CA GLU A 378 -15.53 30.41 -16.81
C GLU A 378 -16.37 29.52 -15.89
N MET B 1 1.70 1.55 12.06
CA MET B 1 2.87 1.23 11.21
C MET B 1 2.40 0.57 9.93
N PHE B 2 3.03 0.92 8.82
CA PHE B 2 2.65 0.36 7.55
C PHE B 2 3.86 0.17 6.67
N TRP B 3 4.03 -1.04 6.17
CA TRP B 3 4.98 -1.22 5.12
C TRP B 3 4.74 -2.39 4.20
N LEU B 4 5.56 -2.46 3.15
CA LEU B 4 5.42 -3.45 2.12
C LEU B 4 6.78 -3.69 1.48
N LYS B 5 7.38 -4.83 1.78
CA LYS B 5 8.64 -5.24 1.18
C LYS B 5 8.46 -5.67 -0.26
N THR B 6 7.34 -6.31 -0.55
CA THR B 6 7.15 -6.97 -1.83
C THR B 6 6.89 -5.95 -2.95
N ARG B 7 7.57 -6.14 -4.07
CA ARG B 7 7.25 -5.46 -5.30
C ARG B 7 6.17 -6.23 -6.06
N ILE B 8 5.10 -5.54 -6.43
CA ILE B 8 3.97 -6.19 -7.08
C ILE B 8 3.92 -5.86 -8.55
N ILE B 9 3.69 -6.89 -9.35
CA ILE B 9 3.63 -6.77 -10.80
C ILE B 9 2.37 -7.47 -11.28
N GLU B 10 1.42 -6.68 -11.76
CA GLU B 10 0.11 -7.23 -12.12
C GLU B 10 -0.21 -7.05 -13.60
N GLY B 11 -1.11 -7.88 -14.12
CA GLY B 11 -1.65 -7.70 -15.44
C GLY B 11 -1.70 -8.98 -16.22
N GLU B 12 -2.61 -9.04 -17.19
CA GLU B 12 -2.63 -10.07 -18.22
C GLU B 12 -1.24 -10.34 -18.75
N GLY B 13 -0.76 -11.58 -18.61
CA GLY B 13 0.50 -11.98 -19.21
C GLY B 13 1.74 -11.47 -18.50
N SER B 14 1.58 -10.91 -17.31
CA SER B 14 2.72 -10.40 -16.54
C SER B 14 3.72 -11.48 -16.16
N LEU B 15 3.35 -12.74 -16.29
CA LEU B 15 4.31 -13.84 -16.11
C LEU B 15 5.60 -13.61 -16.88
N SER B 16 5.50 -12.97 -18.04
CA SER B 16 6.65 -12.73 -18.90
C SER B 16 7.67 -11.78 -18.26
N ARG B 17 7.22 -10.88 -17.40
CA ARG B 17 8.13 -9.96 -16.71
C ARG B 17 9.15 -10.72 -15.88
N LEU B 18 8.94 -12.03 -15.77
CA LEU B 18 9.87 -12.93 -15.11
C LEU B 18 11.28 -12.87 -15.69
N SER B 19 11.37 -12.62 -17.00
CA SER B 19 12.66 -12.47 -17.66
C SER B 19 13.47 -11.31 -17.10
N ARG B 20 12.83 -10.13 -16.98
CA ARG B 20 13.50 -8.99 -16.38
C ARG B 20 14.05 -9.36 -15.02
N GLU B 21 13.25 -10.09 -14.23
CA GLU B 21 13.52 -10.20 -12.81
C GLU B 21 14.64 -11.20 -12.51
N VAL B 22 14.93 -12.09 -13.44
CA VAL B 22 15.98 -13.08 -13.23
C VAL B 22 17.34 -12.61 -13.72
N LYS B 23 17.35 -11.63 -14.62
CA LYS B 23 18.57 -10.91 -14.98
C LYS B 23 19.54 -10.83 -13.82
N GLY B 24 20.74 -11.35 -14.04
CA GLY B 24 21.80 -11.27 -13.05
C GLY B 24 21.78 -12.45 -12.09
N HIS B 25 21.01 -13.47 -12.44
CA HIS B 25 20.99 -14.71 -11.65
C HIS B 25 21.32 -15.90 -12.53
N GLU B 26 21.72 -16.99 -11.89
CA GLU B 26 22.38 -18.07 -12.60
C GLU B 26 21.63 -19.38 -12.46
N ARG B 27 21.26 -19.72 -11.24
CA ARG B 27 20.55 -20.97 -10.98
C ARG B 27 19.22 -20.74 -10.28
N VAL B 28 18.14 -21.04 -11.00
CA VAL B 28 16.79 -20.73 -10.54
C VAL B 28 16.03 -22.01 -10.22
N LEU B 29 15.57 -22.12 -8.98
CA LEU B 29 14.73 -23.22 -8.59
C LEU B 29 13.26 -22.80 -8.57
N ILE B 30 12.41 -23.62 -9.17
CA ILE B 30 10.99 -23.36 -9.23
C ILE B 30 10.23 -24.50 -8.58
N LEU B 31 9.42 -24.20 -7.57
CA LEU B 31 8.44 -25.14 -7.07
C LEU B 31 7.07 -24.75 -7.59
N ALA B 32 6.33 -25.75 -8.07
CA ALA B 32 5.03 -25.52 -8.66
C ALA B 32 4.09 -26.65 -8.30
N SER B 33 2.79 -26.35 -8.31
CA SER B 33 1.76 -27.37 -8.32
C SER B 33 1.73 -28.12 -9.66
N GLY B 34 1.12 -29.31 -9.63
CA GLY B 34 0.88 -30.08 -10.84
C GLY B 34 0.00 -29.38 -11.85
N SER B 35 -1.03 -28.70 -11.37
CA SER B 35 -1.96 -28.03 -12.25
C SER B 35 -1.25 -26.93 -13.04
N MET B 36 -0.16 -26.41 -12.47
CA MET B 36 0.64 -25.41 -13.16
C MET B 36 1.47 -26.06 -14.25
N LYS B 37 1.97 -27.26 -13.98
CA LYS B 37 2.59 -28.10 -15.01
C LYS B 37 1.63 -28.48 -16.13
N ARG B 38 0.46 -29.03 -15.79
CA ARG B 38 -0.44 -29.57 -16.82
C ARG B 38 -1.10 -28.48 -17.67
N HIS B 39 -1.12 -27.25 -17.16
CA HIS B 39 -1.68 -26.14 -17.92
C HIS B 39 -0.60 -25.36 -18.65
N GLY B 40 0.66 -25.77 -18.48
CA GLY B 40 1.74 -25.27 -19.32
C GLY B 40 2.37 -23.98 -18.85
N PHE B 41 1.97 -23.50 -17.67
CA PHE B 41 2.53 -22.26 -17.15
C PHE B 41 3.94 -22.49 -16.62
N LEU B 42 4.22 -23.69 -16.15
CA LEU B 42 5.56 -24.07 -15.73
C LEU B 42 6.57 -24.00 -16.87
N SER B 43 6.20 -24.56 -18.03
CA SER B 43 7.01 -24.52 -19.25
C SER B 43 7.27 -23.06 -19.61
N GLU B 44 6.18 -22.32 -19.69
CA GLU B 44 6.23 -20.92 -20.04
C GLU B 44 7.22 -20.17 -19.13
N ALA B 45 7.16 -20.43 -17.83
CA ALA B 45 8.10 -19.78 -16.90
C ALA B 45 9.52 -20.27 -17.11
N GLU B 46 9.67 -21.54 -17.44
CA GLU B 46 10.99 -22.11 -17.69
C GLU B 46 11.65 -21.44 -18.89
N ASP B 47 10.86 -21.19 -19.93
CA ASP B 47 11.31 -20.43 -21.08
C ASP B 47 11.87 -19.08 -20.67
N TYR B 48 11.10 -18.35 -19.88
CA TYR B 48 11.46 -16.98 -19.52
C TYR B 48 12.74 -16.99 -18.71
N VAL B 49 12.89 -17.99 -17.87
CA VAL B 49 14.09 -18.13 -17.03
C VAL B 49 15.32 -18.47 -17.89
N LYS B 50 15.14 -19.38 -18.84
CA LYS B 50 16.22 -19.75 -19.78
C LYS B 50 16.69 -18.53 -20.55
N GLU B 51 15.75 -17.87 -21.23
CA GLU B 51 16.11 -16.84 -22.18
C GLU B 51 16.66 -15.61 -21.48
N ALA B 52 16.84 -15.68 -20.16
CA ALA B 52 17.54 -14.65 -19.43
C ALA B 52 18.91 -15.15 -18.98
N GLY B 53 19.32 -16.31 -19.49
CA GLY B 53 20.68 -16.79 -19.28
C GLY B 53 20.81 -17.78 -18.15
N ALA B 54 19.77 -17.95 -17.35
CA ALA B 54 19.89 -18.68 -16.10
C ALA B 54 19.56 -20.15 -16.30
N GLU B 55 20.23 -21.00 -15.53
CA GLU B 55 19.85 -22.41 -15.40
C GLU B 55 18.57 -22.47 -14.59
N VAL B 56 17.75 -23.48 -14.87
CA VAL B 56 16.46 -23.62 -14.20
C VAL B 56 16.16 -25.07 -13.87
N PHE B 57 15.67 -25.28 -12.65
CA PHE B 57 15.38 -26.61 -12.18
C PHE B 57 14.05 -26.59 -11.45
N SER B 58 13.14 -27.48 -11.84
CA SER B 58 11.77 -27.41 -11.40
C SER B 58 11.41 -28.62 -10.56
N ILE B 59 10.53 -28.40 -9.60
CA ILE B 59 9.91 -29.49 -8.86
C ILE B 59 8.41 -29.22 -8.83
N ALA B 60 7.64 -30.16 -9.34
CA ALA B 60 6.20 -30.00 -9.41
C ALA B 60 5.52 -31.13 -8.66
N GLY B 61 4.31 -30.90 -8.16
CA GLY B 61 3.50 -32.00 -7.63
C GLY B 61 3.26 -32.00 -6.11
N LEU B 62 4.04 -31.10 -5.48
CA LEU B 62 3.76 -30.60 -4.12
C LEU B 62 2.35 -30.86 -3.51
N PRO B 63 2.31 -31.56 -2.34
CA PRO B 63 1.07 -31.61 -1.56
C PRO B 63 0.69 -30.25 -1.00
N ALA B 64 -0.57 -30.12 -0.56
CA ALA B 64 -0.90 -29.18 0.50
C ALA B 64 -0.27 -29.64 1.81
N GLU B 65 -0.60 -28.86 2.88
CA GLU B 65 -0.07 -29.16 4.22
CA GLU B 65 -0.07 -29.16 4.24
C GLU B 65 1.41 -29.48 4.14
N PRO B 66 2.23 -28.43 4.06
CA PRO B 66 3.69 -28.52 4.09
C PRO B 66 4.24 -28.99 5.45
N SER B 67 5.39 -29.67 5.42
CA SER B 67 5.94 -30.31 6.61
C SER B 67 7.46 -30.33 6.54
N VAL B 68 8.09 -30.46 7.70
CA VAL B 68 9.55 -30.53 7.76
C VAL B 68 10.03 -31.85 7.18
N GLU B 69 9.17 -32.86 7.21
CA GLU B 69 9.40 -34.11 6.48
C GLU B 69 9.67 -33.81 5.01
N VAL B 70 8.68 -33.23 4.34
CA VAL B 70 8.73 -33.08 2.89
C VAL B 70 9.92 -32.19 2.49
N ILE B 71 10.21 -31.19 3.31
CA ILE B 71 11.33 -30.28 3.04
C ILE B 71 12.68 -31.00 3.18
N GLU B 72 12.68 -32.10 3.93
CA GLU B 72 13.85 -32.97 4.00
C GLU B 72 14.15 -33.60 2.65
N GLU B 73 13.14 -34.19 2.04
CA GLU B 73 13.28 -34.78 0.70
C GLU B 73 14.07 -33.85 -0.21
N PHE B 74 13.66 -32.58 -0.23
CA PHE B 74 14.06 -31.66 -1.29
C PHE B 74 15.49 -31.16 -1.09
N LEU B 75 15.85 -30.92 0.17
CA LEU B 75 16.96 -30.02 0.49
C LEU B 75 18.29 -30.41 -0.15
N PRO B 76 18.54 -31.72 -0.35
CA PRO B 76 19.73 -32.19 -1.06
C PRO B 76 19.76 -31.81 -2.55
N LYS B 77 18.64 -32.11 -3.22
CA LYS B 77 18.49 -31.73 -4.62
C LYS B 77 18.60 -30.21 -4.67
N VAL B 78 17.96 -29.57 -3.70
CA VAL B 78 18.05 -28.11 -3.56
C VAL B 78 19.50 -27.70 -3.36
N ARG B 79 20.16 -28.34 -2.41
CA ARG B 79 21.44 -27.86 -1.94
C ARG B 79 22.53 -28.19 -2.94
N GLU B 80 22.31 -29.23 -3.73
CA GLU B 80 23.23 -29.59 -4.80
C GLU B 80 23.07 -28.66 -5.99
N PHE B 81 21.82 -28.35 -6.34
CA PHE B 81 21.54 -27.47 -7.48
C PHE B 81 22.15 -26.07 -7.26
N GLY B 82 22.15 -25.62 -6.01
CA GLY B 82 22.76 -24.33 -5.66
C GLY B 82 21.99 -23.12 -6.17
N PRO B 83 20.67 -23.09 -5.95
CA PRO B 83 19.87 -21.94 -6.43
C PRO B 83 20.26 -20.63 -5.77
N ASP B 84 20.26 -19.55 -6.54
CA ASP B 84 20.37 -18.19 -6.00
C ASP B 84 19.06 -17.40 -6.21
N LEU B 85 17.99 -18.12 -6.54
CA LEU B 85 16.68 -17.51 -6.78
C LEU B 85 15.62 -18.59 -6.70
N LEU B 86 14.63 -18.37 -5.82
CA LEU B 86 13.50 -19.27 -5.69
C LEU B 86 12.25 -18.68 -6.34
N VAL B 87 11.47 -19.55 -6.96
CA VAL B 87 10.19 -19.16 -7.52
C VAL B 87 9.10 -20.14 -7.04
N ALA B 88 8.04 -19.60 -6.46
CA ALA B 88 6.87 -20.37 -6.09
C ALA B 88 5.71 -20.07 -7.03
N MET B 89 5.12 -21.12 -7.59
CA MET B 89 4.07 -20.96 -8.58
CA MET B 89 4.08 -20.97 -8.58
C MET B 89 2.93 -21.92 -8.27
N GLY B 90 1.91 -21.42 -7.59
CA GLY B 90 0.75 -22.21 -7.20
C GLY B 90 -0.03 -21.52 -6.11
N GLY B 91 -0.65 -22.33 -5.25
CA GLY B 91 -1.47 -21.82 -4.16
C GLY B 91 -0.67 -21.42 -2.94
N GLY B 92 -1.40 -21.00 -1.90
CA GLY B 92 -0.82 -20.70 -0.59
C GLY B 92 0.21 -21.71 -0.12
N SER B 93 -0.15 -22.98 -0.24
CA SER B 93 0.66 -24.05 0.34
C SER B 93 1.99 -24.18 -0.38
N VAL B 94 1.98 -24.00 -1.70
CA VAL B 94 3.22 -24.03 -2.48
C VAL B 94 4.11 -22.85 -2.11
N ILE B 95 3.50 -21.67 -1.95
CA ILE B 95 4.25 -20.48 -1.63
C ILE B 95 4.83 -20.61 -0.21
N ASP B 96 4.02 -21.10 0.72
CA ASP B 96 4.47 -21.31 2.10
C ASP B 96 5.58 -22.36 2.19
N THR B 97 5.51 -23.36 1.31
CA THR B 97 6.53 -24.42 1.28
C THR B 97 7.88 -23.85 0.84
N THR B 98 7.85 -23.02 -0.19
CA THR B 98 9.05 -22.36 -0.68
C THR B 98 9.60 -21.36 0.33
N LYS B 99 8.69 -20.70 1.06
CA LYS B 99 9.10 -19.75 2.07
C LYS B 99 9.88 -20.50 3.15
N ALA B 100 9.31 -21.61 3.60
CA ALA B 100 9.93 -22.41 4.66
C ALA B 100 11.26 -23.00 4.19
N LEU B 101 11.32 -23.40 2.93
CA LEU B 101 12.54 -23.89 2.32
C LEU B 101 13.65 -22.84 2.33
N LYS B 102 13.30 -21.59 2.08
CA LYS B 102 14.29 -20.52 2.05
C LYS B 102 15.06 -20.41 3.37
N VAL B 103 14.36 -20.62 4.49
CA VAL B 103 14.96 -20.47 5.81
C VAL B 103 16.01 -21.55 6.09
N PHE B 104 15.67 -22.80 5.78
CA PHE B 104 16.59 -23.91 6.00
C PHE B 104 17.73 -23.93 5.00
N TYR B 105 17.45 -23.48 3.79
CA TYR B 105 18.50 -23.28 2.81
C TYR B 105 19.49 -22.21 3.27
N ASP B 106 18.97 -21.06 3.69
CA ASP B 106 19.80 -19.89 3.92
C ASP B 106 20.40 -19.92 5.33
N ALA B 107 19.70 -20.59 6.24
CA ALA B 107 20.19 -20.74 7.62
C ALA B 107 20.12 -22.21 8.02
N PRO B 108 21.05 -23.02 7.48
CA PRO B 108 20.97 -24.48 7.61
C PRO B 108 21.13 -24.93 9.05
N GLU B 109 21.94 -24.20 9.81
CA GLU B 109 22.05 -24.41 11.25
C GLU B 109 20.69 -24.33 11.91
N LEU B 110 19.93 -23.29 11.59
CA LEU B 110 18.82 -22.87 12.42
C LEU B 110 18.07 -24.09 12.92
N ASN B 111 18.11 -24.31 14.23
CA ASN B 111 17.20 -25.26 14.86
C ASN B 111 15.76 -24.86 14.62
N PHE B 112 15.03 -25.68 13.87
CA PHE B 112 13.60 -25.48 13.70
C PHE B 112 12.91 -25.24 15.03
N GLY B 113 13.22 -26.10 16.00
CA GLY B 113 12.73 -25.94 17.37
C GLY B 113 12.56 -24.49 17.77
N GLU B 114 13.57 -23.67 17.49
CA GLU B 114 13.82 -22.44 18.25
C GLU B 114 13.09 -21.22 17.68
N ILE B 115 12.34 -21.40 16.60
CA ILE B 115 11.87 -20.25 15.82
C ILE B 115 10.33 -20.17 15.54
N ALA B 116 9.67 -21.22 16.16
CA ALA B 116 8.28 -21.46 15.82
C ALA B 116 7.26 -20.84 16.82
N PHE B 117 6.35 -19.98 16.31
CA PHE B 117 5.19 -19.50 17.09
C PHE B 117 4.18 -20.64 17.23
N ILE B 118 4.36 -21.45 18.26
CA ILE B 118 3.39 -22.48 18.59
C ILE B 118 2.37 -22.01 19.64
N ASP B 119 2.88 -21.44 20.74
CA ASP B 119 2.03 -20.79 21.74
C ASP B 119 2.11 -19.29 21.49
N ARG B 120 1.16 -18.54 22.04
CA ARG B 120 1.29 -17.07 22.08
C ARG B 120 1.98 -16.59 23.36
N PHE B 121 2.04 -17.45 24.38
CA PHE B 121 2.78 -17.15 25.60
C PHE B 121 4.23 -17.63 25.51
N SER B 122 4.56 -18.35 24.44
CA SER B 122 5.93 -18.57 24.05
C SER B 122 6.45 -17.41 23.22
N LYS B 123 7.75 -17.14 23.32
CA LYS B 123 8.37 -16.11 22.49
C LYS B 123 9.59 -16.70 21.79
N PRO B 124 9.43 -17.09 20.52
CA PRO B 124 10.51 -17.78 19.84
C PRO B 124 11.70 -16.87 19.58
N LYS B 125 12.85 -17.46 19.29
CA LYS B 125 14.04 -16.69 18.96
C LYS B 125 13.88 -16.05 17.58
N PRO B 126 14.48 -14.86 17.37
CA PRO B 126 14.38 -14.21 16.06
C PRO B 126 15.15 -14.92 14.95
N VAL B 127 14.72 -14.69 13.71
CA VAL B 127 15.34 -15.32 12.53
C VAL B 127 16.36 -14.36 11.91
N PRO B 128 17.59 -14.85 11.71
CA PRO B 128 18.62 -13.97 11.19
C PRO B 128 18.27 -13.47 9.80
N ARG B 129 19.09 -12.57 9.28
CA ARG B 129 18.99 -12.14 7.90
C ARG B 129 19.27 -13.31 6.97
N LEU B 130 18.37 -13.52 6.01
CA LEU B 130 18.59 -14.47 4.92
C LEU B 130 19.01 -13.71 3.66
N LYS B 131 19.01 -14.36 2.51
CA LYS B 131 19.68 -13.77 1.34
C LYS B 131 19.09 -14.08 -0.04
N THR B 132 18.59 -15.31 -0.24
CA THR B 132 18.09 -15.70 -1.55
C THR B 132 16.81 -14.95 -1.92
N LEU B 133 16.77 -14.41 -3.13
CA LEU B 133 15.57 -13.76 -3.62
C LEU B 133 14.43 -14.76 -3.73
N LEU B 134 13.21 -14.25 -3.60
CA LEU B 134 12.03 -15.07 -3.58
C LEU B 134 10.90 -14.39 -4.35
N ILE B 135 10.50 -15.01 -5.44
CA ILE B 135 9.41 -14.53 -6.27
C ILE B 135 8.18 -15.43 -6.12
N ALA B 136 7.03 -14.83 -5.83
CA ALA B 136 5.79 -15.58 -5.61
C ALA B 136 4.79 -15.31 -6.72
N ILE B 137 4.17 -16.37 -7.21
CA ILE B 137 3.27 -16.25 -8.34
C ILE B 137 2.00 -17.04 -8.06
N PRO B 138 0.98 -16.39 -7.50
CA PRO B 138 -0.15 -17.15 -6.97
C PRO B 138 -1.13 -17.58 -8.06
N SER B 139 -1.62 -18.81 -7.96
CA SER B 139 -2.55 -19.34 -8.94
C SER B 139 -3.97 -19.38 -8.38
N THR B 140 -4.11 -19.11 -7.08
CA THR B 140 -5.43 -18.95 -6.49
C THR B 140 -5.65 -17.53 -6.01
N SER B 141 -6.87 -17.26 -5.57
CA SER B 141 -7.33 -15.90 -5.34
C SER B 141 -8.19 -15.81 -4.09
N GLY B 142 -7.60 -15.90 -2.91
CA GLY B 142 -6.25 -16.39 -2.71
C GLY B 142 -5.90 -16.23 -1.25
N ALA B 143 -4.68 -16.64 -0.90
CA ALA B 143 -4.29 -16.83 0.48
C ALA B 143 -3.57 -15.61 1.06
N GLY B 144 -3.11 -14.72 0.18
CA GLY B 144 -2.38 -13.53 0.64
C GLY B 144 -0.92 -13.77 0.95
N SER B 145 -0.44 -14.96 0.60
CA SER B 145 0.86 -15.47 1.03
C SER B 145 1.97 -14.89 0.17
N GLU B 146 1.59 -14.36 -0.99
CA GLU B 146 2.53 -13.72 -1.89
C GLU B 146 3.09 -12.40 -1.39
N VAL B 147 2.54 -11.87 -0.29
CA VAL B 147 3.09 -10.66 0.31
C VAL B 147 3.36 -10.77 1.81
N SER B 148 3.06 -11.91 2.42
CA SER B 148 3.13 -11.98 3.85
C SER B 148 4.45 -12.59 4.30
N GLY B 149 4.83 -12.29 5.53
CA GLY B 149 6.05 -12.82 6.12
C GLY B 149 5.75 -14.02 7.00
N ALA B 150 4.74 -14.80 6.63
CA ALA B 150 4.31 -15.93 7.43
C ALA B 150 4.15 -17.19 6.59
N SER B 151 4.59 -18.31 7.16
CA SER B 151 4.34 -19.62 6.60
C SER B 151 3.97 -20.56 7.75
N VAL B 152 3.04 -21.48 7.50
CA VAL B 152 2.77 -22.55 8.47
C VAL B 152 3.40 -23.87 8.04
N LEU B 153 3.66 -24.74 9.01
CA LEU B 153 4.54 -25.87 8.78
C LEU B 153 4.38 -26.95 9.86
N LYS B 154 4.14 -28.19 9.40
CA LYS B 154 4.08 -29.35 10.30
C LYS B 154 5.48 -29.91 10.54
N LYS B 155 5.72 -30.34 11.77
CA LYS B 155 6.80 -31.24 12.07
C LYS B 155 6.21 -32.46 12.70
N GLY B 156 5.62 -33.24 11.79
CA GLY B 156 5.02 -34.49 12.15
C GLY B 156 3.64 -34.26 12.72
N GLY B 157 2.72 -33.73 11.92
CA GLY B 157 1.32 -33.65 12.34
C GLY B 157 0.98 -32.40 13.15
N VAL B 158 1.96 -31.85 13.86
CA VAL B 158 1.75 -30.64 14.64
C VAL B 158 2.03 -29.41 13.79
N LYS B 159 1.27 -28.33 14.00
CA LYS B 159 1.39 -27.12 13.19
C LYS B 159 2.13 -26.01 13.94
N TYR B 160 3.26 -25.59 13.38
CA TYR B 160 4.01 -24.44 13.90
C TYR B 160 3.84 -23.22 12.99
N ASN B 161 4.23 -22.06 13.48
CA ASN B 161 4.27 -20.85 12.66
C ASN B 161 5.70 -20.34 12.52
N ILE B 162 6.06 -19.95 11.30
CA ILE B 162 7.24 -19.13 11.10
C ILE B 162 6.84 -17.73 10.65
N VAL B 163 7.31 -16.73 11.36
CA VAL B 163 6.96 -15.34 11.09
C VAL B 163 8.21 -14.46 11.11
N THR B 164 8.52 -13.86 9.97
CA THR B 164 9.65 -12.96 9.89
C THR B 164 9.58 -12.25 8.55
N PRO B 165 9.96 -10.96 8.53
CA PRO B 165 10.14 -10.16 7.32
C PRO B 165 11.00 -10.85 6.26
N GLU B 166 11.89 -11.74 6.71
CA GLU B 166 12.90 -12.31 5.84
C GLU B 166 12.32 -13.18 4.74
N ILE B 167 11.15 -13.78 5.01
CA ILE B 167 10.52 -14.65 4.04
C ILE B 167 9.31 -14.05 3.32
N ALA B 168 8.95 -12.82 3.64
CA ALA B 168 8.06 -12.08 2.73
C ALA B 168 8.72 -12.04 1.35
N PRO B 169 7.97 -12.40 0.32
CA PRO B 169 8.54 -12.42 -1.01
C PRO B 169 9.08 -11.06 -1.43
N ASP B 170 10.14 -11.10 -2.23
CA ASP B 170 10.71 -9.90 -2.81
C ASP B 170 9.83 -9.38 -3.96
N VAL B 171 9.22 -10.31 -4.70
CA VAL B 171 8.41 -9.98 -5.87
C VAL B 171 7.18 -10.88 -5.94
N ALA B 172 6.04 -10.29 -6.28
CA ALA B 172 4.83 -11.05 -6.59
C ALA B 172 4.33 -10.71 -7.99
N ILE B 173 4.08 -11.74 -8.78
CA ILE B 173 3.55 -11.55 -10.13
C ILE B 173 2.11 -12.04 -10.16
N LEU B 174 1.20 -11.15 -10.52
CA LEU B 174 -0.23 -11.44 -10.50
C LEU B 174 -0.75 -11.49 -11.91
N ASP B 175 -0.80 -12.69 -12.48
CA ASP B 175 -1.23 -12.90 -13.86
C ASP B 175 -2.54 -13.67 -13.81
N PRO B 176 -3.62 -13.06 -14.28
CA PRO B 176 -4.94 -13.64 -14.01
C PRO B 176 -5.27 -14.85 -14.90
N ARG B 177 -4.39 -15.16 -15.85
CA ARG B 177 -4.48 -16.39 -16.62
C ARG B 177 -4.43 -17.63 -15.71
N LEU B 178 -3.62 -17.56 -14.67
CA LEU B 178 -3.47 -18.67 -13.75
C LEU B 178 -4.76 -19.00 -12.97
N PRO B 179 -5.35 -17.99 -12.30
CA PRO B 179 -6.53 -18.28 -11.49
C PRO B 179 -7.78 -18.57 -12.30
N ARG B 180 -7.72 -18.34 -13.61
CA ARG B 180 -8.80 -18.74 -14.48
C ARG B 180 -8.88 -20.25 -14.67
N THR B 181 -7.88 -20.98 -14.20
CA THR B 181 -7.95 -22.43 -14.16
C THR B 181 -8.53 -23.03 -12.88
N MET B 182 -8.95 -22.21 -11.93
CA MET B 182 -9.52 -22.75 -10.70
C MET B 182 -10.85 -23.42 -11.02
N PRO B 183 -11.08 -24.62 -10.48
CA PRO B 183 -12.45 -25.10 -10.50
C PRO B 183 -13.35 -24.20 -9.66
N PRO B 184 -14.64 -24.20 -9.96
CA PRO B 184 -15.60 -23.34 -9.28
C PRO B 184 -15.48 -23.35 -7.75
N GLU B 185 -15.27 -24.53 -7.16
CA GLU B 185 -15.31 -24.66 -5.70
C GLU B 185 -14.10 -23.99 -5.11
N VAL B 186 -12.98 -24.13 -5.80
CA VAL B 186 -11.74 -23.49 -5.38
C VAL B 186 -11.82 -21.97 -5.53
N ALA B 187 -12.43 -21.50 -6.61
CA ALA B 187 -12.68 -20.08 -6.77
C ALA B 187 -13.54 -19.57 -5.62
N ARG B 188 -14.57 -20.34 -5.27
CA ARG B 188 -15.43 -19.97 -4.15
C ARG B 188 -14.68 -19.95 -2.82
N ASN B 189 -14.00 -21.04 -2.50
CA ASN B 189 -13.35 -21.18 -1.20
C ASN B 189 -12.29 -20.11 -0.97
N SER B 190 -11.46 -19.87 -1.97
CA SER B 190 -10.33 -18.98 -1.81
C SER B 190 -10.78 -17.52 -1.87
N GLY B 191 -11.87 -17.25 -2.60
CA GLY B 191 -12.47 -15.91 -2.63
C GLY B 191 -13.13 -15.50 -1.32
N LEU B 192 -13.72 -16.47 -0.63
CA LEU B 192 -14.28 -16.23 0.70
C LEU B 192 -13.17 -16.00 1.71
N ASP B 193 -12.03 -16.63 1.49
CA ASP B 193 -10.86 -16.34 2.30
C ASP B 193 -10.49 -14.86 2.22
N VAL B 194 -10.61 -14.26 1.04
CA VAL B 194 -10.26 -12.86 0.88
C VAL B 194 -11.18 -12.02 1.76
N LEU B 195 -12.46 -12.32 1.66
CA LEU B 195 -13.50 -11.59 2.36
C LEU B 195 -13.27 -11.64 3.87
N VAL B 196 -13.00 -12.83 4.37
CA VAL B 196 -12.75 -13.00 5.79
C VAL B 196 -11.50 -12.24 6.23
N HIS B 197 -10.40 -12.40 5.49
CA HIS B 197 -9.17 -11.64 5.77
C HIS B 197 -9.44 -10.13 5.85
N GLY B 198 -10.14 -9.59 4.86
CA GLY B 198 -10.39 -8.16 4.81
C GLY B 198 -11.17 -7.68 6.02
N ILE B 199 -12.19 -8.44 6.39
CA ILE B 199 -13.08 -8.03 7.47
C ILE B 199 -12.34 -8.11 8.80
N GLU B 200 -11.53 -9.15 8.96
CA GLU B 200 -10.73 -9.31 10.17
C GLU B 200 -9.64 -8.25 10.26
N ALA B 201 -8.97 -7.96 9.15
CA ALA B 201 -7.92 -6.95 9.13
C ALA B 201 -8.47 -5.56 9.51
N TYR B 202 -9.71 -5.29 9.11
CA TYR B 202 -10.32 -3.98 9.35
C TYR B 202 -10.62 -3.81 10.84
N THR B 203 -10.76 -4.92 11.55
CA THR B 203 -11.29 -4.87 12.90
C THR B 203 -10.31 -5.30 13.97
N THR B 204 -9.05 -5.50 13.61
CA THR B 204 -8.04 -5.73 14.63
C THR B 204 -7.73 -4.49 15.43
N LYS B 205 -7.03 -4.70 16.53
CA LYS B 205 -6.59 -3.64 17.43
C LYS B 205 -5.55 -2.73 16.77
N VAL B 206 -4.83 -3.25 15.79
CA VAL B 206 -3.69 -2.54 15.23
C VAL B 206 -3.93 -2.11 13.78
N ALA B 207 -5.20 -2.08 13.37
CA ALA B 207 -5.57 -1.53 12.07
C ALA B 207 -5.10 -0.09 11.95
N SER B 208 -4.69 0.31 10.75
CA SER B 208 -4.43 1.70 10.45
C SER B 208 -5.17 2.11 9.18
N PRO B 209 -5.25 3.43 8.93
CA PRO B 209 -5.91 3.95 7.75
C PRO B 209 -5.30 3.38 6.49
N PHE B 210 -4.00 3.08 6.55
CA PHE B 210 -3.30 2.51 5.41
C PHE B 210 -3.74 1.09 5.10
N SER B 211 -3.79 0.22 6.11
CA SER B 211 -4.30 -1.13 5.88
C SER B 211 -5.80 -1.10 5.61
N ASP B 212 -6.50 -0.19 6.26
CA ASP B 212 -7.93 -0.01 6.05
C ASP B 212 -8.25 0.22 4.59
N ALA B 213 -7.47 1.06 3.93
CA ALA B 213 -7.72 1.36 2.52
C ALA B 213 -7.71 0.09 1.68
N MET B 214 -6.76 -0.78 1.99
CA MET B 214 -6.61 -2.00 1.23
C MET B 214 -7.72 -3.00 1.59
N ALA B 215 -8.01 -3.14 2.88
CA ALA B 215 -9.04 -4.09 3.32
C ALA B 215 -10.37 -3.72 2.67
N ILE B 216 -10.70 -2.43 2.67
CA ILE B 216 -12.01 -2.00 2.23
C ILE B 216 -12.22 -2.30 0.76
N LYS B 217 -11.20 -2.01 -0.04
CA LYS B 217 -11.24 -2.23 -1.46
C LYS B 217 -11.37 -3.72 -1.79
N ALA B 218 -10.64 -4.57 -1.06
CA ALA B 218 -10.74 -6.01 -1.28
C ALA B 218 -12.16 -6.50 -0.97
N ILE B 219 -12.71 -6.01 0.13
CA ILE B 219 -14.06 -6.38 0.50
C ILE B 219 -15.11 -6.02 -0.56
N LYS B 220 -15.11 -4.76 -1.01
CA LYS B 220 -16.08 -4.33 -2.00
C LYS B 220 -15.93 -5.16 -3.25
N THR B 221 -14.69 -5.47 -3.61
CA THR B 221 -14.44 -6.15 -4.87
C THR B 221 -14.97 -7.58 -4.84
N VAL B 222 -14.71 -8.28 -3.75
CA VAL B 222 -15.19 -9.66 -3.59
C VAL B 222 -16.71 -9.69 -3.54
N TYR B 223 -17.30 -8.81 -2.75
CA TYR B 223 -18.74 -8.80 -2.59
C TYR B 223 -19.45 -8.62 -3.94
N ARG B 224 -18.89 -7.76 -4.78
CA ARG B 224 -19.48 -7.42 -6.06
C ARG B 224 -19.19 -8.48 -7.13
N TRP B 225 -18.02 -9.11 -7.08
CA TRP B 225 -17.53 -9.88 -8.23
C TRP B 225 -17.45 -11.40 -8.04
N LEU B 226 -17.43 -11.86 -6.80
CA LEU B 226 -17.13 -13.27 -6.53
C LEU B 226 -18.17 -14.19 -7.16
N PRO B 227 -19.46 -13.83 -7.06
CA PRO B 227 -20.44 -14.72 -7.65
C PRO B 227 -20.23 -14.93 -9.15
N LEU B 228 -19.92 -13.85 -9.87
CA LEU B 228 -19.61 -13.95 -11.30
C LEU B 228 -18.30 -14.69 -11.56
N SER B 229 -17.34 -14.59 -10.63
CA SER B 229 -16.10 -15.32 -10.80
C SER B 229 -16.34 -16.82 -10.69
N VAL B 230 -17.15 -17.19 -9.73
CA VAL B 230 -17.40 -18.60 -9.46
C VAL B 230 -18.08 -19.26 -10.68
N LYS B 231 -18.98 -18.53 -11.31
CA LYS B 231 -19.55 -18.91 -12.60
C LYS B 231 -18.55 -18.80 -13.77
N GLY B 232 -17.35 -18.29 -13.52
CA GLY B 232 -16.25 -18.42 -14.47
C GLY B 232 -16.06 -17.22 -15.40
N ASP B 233 -16.66 -16.08 -15.07
CA ASP B 233 -16.39 -14.85 -15.82
C ASP B 233 -14.92 -14.47 -15.70
N GLU B 234 -14.32 -14.09 -16.81
CA GLU B 234 -12.87 -13.94 -16.89
C GLU B 234 -12.39 -12.64 -16.26
N GLU B 235 -13.18 -11.59 -16.44
CA GLU B 235 -12.84 -10.30 -15.86
CA GLU B 235 -12.84 -10.30 -15.86
C GLU B 235 -12.99 -10.35 -14.34
N ALA B 236 -14.03 -11.02 -13.88
CA ALA B 236 -14.26 -11.15 -12.46
C ALA B 236 -13.15 -11.96 -11.80
N ARG B 237 -12.58 -12.91 -12.52
CA ARG B 237 -11.45 -13.65 -12.00
C ARG B 237 -10.27 -12.73 -11.76
N ALA B 238 -10.06 -11.79 -12.69
CA ALA B 238 -8.92 -10.90 -12.61
C ALA B 238 -9.09 -9.92 -11.45
N ARG B 239 -10.30 -9.40 -11.30
CA ARG B 239 -10.56 -8.46 -10.23
C ARG B 239 -10.40 -9.10 -8.86
N VAL B 240 -10.89 -10.32 -8.68
CA VAL B 240 -10.77 -10.98 -7.39
C VAL B 240 -9.32 -11.36 -7.11
N HIS B 241 -8.56 -11.64 -8.16
CA HIS B 241 -7.15 -11.97 -8.00
C HIS B 241 -6.38 -10.81 -7.39
N TYR B 242 -6.62 -9.61 -7.90
CA TYR B 242 -5.95 -8.44 -7.35
C TYR B 242 -6.43 -8.13 -5.94
N ALA B 243 -7.70 -8.37 -5.66
CA ALA B 243 -8.25 -8.09 -4.34
C ALA B 243 -7.67 -9.03 -3.29
N ALA B 244 -7.29 -10.23 -3.71
CA ALA B 244 -6.72 -11.22 -2.80
C ALA B 244 -5.40 -10.72 -2.24
N THR B 245 -4.57 -10.17 -3.11
CA THR B 245 -3.32 -9.52 -2.70
C THR B 245 -3.53 -8.26 -1.88
N MET B 246 -4.57 -7.49 -2.18
CA MET B 246 -4.94 -6.34 -1.32
C MET B 246 -5.22 -6.76 0.10
N ALA B 247 -6.02 -7.82 0.26
CA ALA B 247 -6.35 -8.33 1.57
C ALA B 247 -5.08 -8.80 2.24
N GLY B 248 -4.18 -9.34 1.44
CA GLY B 248 -2.89 -9.79 1.96
C GLY B 248 -2.10 -8.64 2.54
N ILE B 249 -2.02 -7.55 1.78
CA ILE B 249 -1.30 -6.37 2.22
C ILE B 249 -1.91 -5.84 3.51
N ALA B 250 -3.23 -5.88 3.60
CA ALA B 250 -3.91 -5.46 4.82
C ALA B 250 -3.54 -6.30 6.02
N PHE B 251 -3.61 -7.62 5.89
CA PHE B 251 -3.40 -8.44 7.09
C PHE B 251 -1.92 -8.65 7.40
N LEU B 252 -1.06 -8.44 6.41
CA LEU B 252 0.36 -8.26 6.65
C LEU B 252 0.62 -7.14 7.65
N ASN B 253 -0.13 -6.06 7.54
CA ASN B 253 0.08 -4.93 8.44
C ASN B 253 -0.81 -4.98 9.68
N ALA B 254 -2.07 -5.35 9.50
CA ALA B 254 -3.04 -5.25 10.59
C ALA B 254 -3.23 -6.59 11.29
N ARG B 255 -2.78 -7.67 10.63
CA ARG B 255 -2.92 -9.02 11.16
C ARG B 255 -4.37 -9.51 11.06
N LEU B 256 -4.66 -10.60 11.76
CA LEU B 256 -5.99 -11.20 11.71
C LEU B 256 -6.43 -11.52 13.14
N GLY B 257 -7.58 -12.18 13.27
CA GLY B 257 -8.16 -12.41 14.59
C GLY B 257 -8.83 -13.75 14.76
N LEU B 258 -9.92 -13.73 15.52
CA LEU B 258 -10.49 -14.93 16.13
C LEU B 258 -10.92 -15.92 15.04
N CYS B 259 -11.46 -15.42 13.95
CA CYS B 259 -12.01 -16.30 12.92
C CYS B 259 -10.93 -17.19 12.28
N HIS B 260 -9.79 -16.60 11.94
CA HIS B 260 -8.68 -17.36 11.37
CA HIS B 260 -8.67 -17.35 11.38
C HIS B 260 -8.10 -18.34 12.39
N ALA B 261 -7.95 -17.90 13.64
CA ALA B 261 -7.52 -18.79 14.71
C ALA B 261 -8.43 -20.03 14.81
N MET B 262 -9.75 -19.81 14.77
CA MET B 262 -10.71 -20.90 14.89
C MET B 262 -10.65 -21.86 13.70
N SER B 263 -10.42 -21.31 12.51
CA SER B 263 -10.21 -22.10 11.30
C SER B 263 -8.94 -22.95 11.33
N HIS B 264 -7.83 -22.35 11.75
CA HIS B 264 -6.56 -23.08 11.93
C HIS B 264 -6.80 -24.40 12.66
N LYS B 265 -7.56 -24.32 13.75
CA LYS B 265 -7.65 -25.41 14.72
C LYS B 265 -8.71 -26.43 14.35
N ALA B 266 -9.55 -26.08 13.38
CA ALA B 266 -10.52 -27.01 12.83
C ALA B 266 -10.10 -27.45 11.44
N ALA B 267 -8.83 -27.23 11.12
CA ALA B 267 -8.28 -27.58 9.81
C ALA B 267 -8.70 -28.98 9.37
N TRP B 268 -8.61 -29.94 10.28
CA TRP B 268 -8.90 -31.34 9.95
C TRP B 268 -10.24 -31.52 9.25
N ILE B 269 -11.18 -30.62 9.53
CA ILE B 269 -12.55 -30.77 9.07
C ILE B 269 -12.71 -30.47 7.58
N GLY B 270 -11.93 -29.52 7.07
CA GLY B 270 -12.30 -28.81 5.85
C GLY B 270 -11.24 -27.85 5.34
N PRO B 271 -11.40 -27.39 4.09
CA PRO B 271 -10.51 -26.37 3.51
C PRO B 271 -10.59 -25.03 4.26
N HIS B 272 -9.48 -24.31 4.27
CA HIS B 272 -9.32 -23.16 5.16
C HIS B 272 -10.36 -22.08 4.87
N GLY B 273 -10.57 -21.79 3.58
CA GLY B 273 -11.46 -20.72 3.16
C GLY B 273 -12.90 -21.03 3.52
N LEU B 274 -13.25 -22.30 3.51
CA LEU B 274 -14.63 -22.71 3.68
C LEU B 274 -15.04 -22.63 5.14
N LEU B 275 -14.12 -23.02 6.01
CA LEU B 275 -14.37 -23.01 7.44
C LEU B 275 -14.40 -21.58 7.95
N ASN B 276 -13.50 -20.76 7.42
CA ASN B 276 -13.50 -19.34 7.74
C ASN B 276 -14.87 -18.74 7.45
N ALA B 277 -15.40 -19.03 6.27
CA ALA B 277 -16.67 -18.47 5.84
C ALA B 277 -17.77 -18.92 6.77
N VAL B 278 -17.67 -20.17 7.21
CA VAL B 278 -18.69 -20.77 8.06
C VAL B 278 -18.68 -20.08 9.41
N PHE B 279 -17.50 -19.78 9.92
CA PHE B 279 -17.39 -19.21 11.26
C PHE B 279 -17.68 -17.72 11.28
N LEU B 280 -17.35 -17.03 10.20
CA LEU B 280 -17.27 -15.58 10.23
C LEU B 280 -18.51 -14.95 10.88
N PRO B 281 -19.71 -15.35 10.46
CA PRO B 281 -20.87 -14.62 10.93
C PRO B 281 -21.10 -14.77 12.43
N TYR B 282 -20.66 -15.90 12.99
CA TYR B 282 -20.72 -16.11 14.43
C TYR B 282 -19.68 -15.30 15.18
N VAL B 283 -18.45 -15.30 14.68
CA VAL B 283 -17.43 -14.45 15.24
C VAL B 283 -17.85 -12.97 15.19
N MET B 284 -18.54 -12.56 14.13
CA MET B 284 -18.99 -11.17 14.01
C MET B 284 -20.07 -10.86 15.06
N GLU B 285 -20.99 -11.78 15.26
CA GLU B 285 -22.04 -11.59 16.26
C GLU B 285 -21.45 -11.44 17.65
N PHE B 286 -20.46 -12.28 17.91
CA PHE B 286 -19.75 -12.25 19.15
C PHE B 286 -19.03 -10.92 19.34
N ASN B 287 -18.16 -10.60 18.40
CA ASN B 287 -17.38 -9.37 18.52
C ASN B 287 -18.29 -8.14 18.72
N ALA B 288 -19.39 -8.09 17.98
CA ALA B 288 -20.24 -6.89 17.99
C ALA B 288 -21.05 -6.79 19.28
N SER B 289 -21.39 -7.93 19.86
CA SER B 289 -22.10 -7.92 21.13
C SER B 289 -21.19 -7.46 22.28
N LYS B 290 -19.88 -7.65 22.13
CA LYS B 290 -18.95 -7.43 23.24
C LYS B 290 -18.07 -6.19 23.12
N SER B 291 -18.07 -5.56 21.95
CA SER B 291 -17.18 -4.42 21.71
C SER B 291 -17.90 -3.37 20.88
N ASP B 292 -18.01 -2.17 21.44
CA ASP B 292 -18.46 -1.03 20.67
C ASP B 292 -17.53 -0.74 19.50
N TYR B 293 -16.22 -0.94 19.69
CA TYR B 293 -15.29 -0.61 18.62
C TYR B 293 -15.55 -1.53 17.43
N ALA B 294 -15.80 -2.80 17.71
CA ALA B 294 -16.03 -3.78 16.65
C ALA B 294 -17.36 -3.51 15.93
N ARG B 295 -18.37 -3.13 16.70
CA ARG B 295 -19.68 -2.78 16.18
C ARG B 295 -19.61 -1.57 15.25
N ARG B 296 -18.84 -0.55 15.63
CA ARG B 296 -18.71 0.65 14.79
C ARG B 296 -17.96 0.34 13.50
N ARG B 297 -16.93 -0.50 13.59
CA ARG B 297 -16.12 -0.80 12.40
C ARG B 297 -16.93 -1.61 11.39
N TYR B 298 -17.75 -2.54 11.90
CA TYR B 298 -18.61 -3.32 11.01
C TYR B 298 -19.63 -2.43 10.31
N ALA B 299 -20.12 -1.41 11.02
CA ALA B 299 -21.06 -0.46 10.44
C ALA B 299 -20.35 0.36 9.37
N GLU B 300 -19.06 0.62 9.57
CA GLU B 300 -18.29 1.36 8.57
C GLU B 300 -18.16 0.56 7.28
N ILE B 301 -17.95 -0.74 7.40
CA ILE B 301 -17.90 -1.61 6.23
C ILE B 301 -19.27 -1.71 5.57
N ALA B 302 -20.33 -1.78 6.39
CA ALA B 302 -21.70 -1.85 5.88
C ALA B 302 -22.02 -0.64 5.02
N ARG B 303 -21.70 0.54 5.54
CA ARG B 303 -21.93 1.79 4.80
C ARG B 303 -21.16 1.79 3.49
N GLU B 304 -19.96 1.23 3.50
CA GLU B 304 -19.16 1.17 2.28
C GLU B 304 -19.76 0.24 1.24
N LEU B 305 -20.58 -0.72 1.68
CA LEU B 305 -21.29 -1.58 0.74
C LEU B 305 -22.68 -1.06 0.41
N GLY B 306 -23.04 0.09 0.99
CA GLY B 306 -24.31 0.73 0.66
C GLY B 306 -25.41 0.38 1.64
N PHE B 307 -25.03 -0.15 2.80
CA PHE B 307 -25.97 -0.37 3.88
C PHE B 307 -25.66 0.51 5.07
N GLN B 308 -26.14 0.14 6.26
CA GLN B 308 -26.11 1.06 7.39
C GLN B 308 -25.44 0.52 8.65
N THR B 309 -25.78 -0.69 9.05
CA THR B 309 -25.52 -1.12 10.42
C THR B 309 -24.57 -2.29 10.45
N ALA B 310 -24.08 -2.58 11.64
CA ALA B 310 -23.34 -3.81 11.85
C ALA B 310 -24.18 -5.04 11.49
N LYS B 311 -25.44 -5.03 11.92
CA LYS B 311 -26.33 -6.19 11.69
C LYS B 311 -26.62 -6.38 10.21
N ASP B 312 -26.74 -5.29 9.44
CA ASP B 312 -26.81 -5.39 7.98
C ASP B 312 -25.67 -6.26 7.45
N LEU B 313 -24.44 -5.97 7.89
CA LEU B 313 -23.26 -6.64 7.35
C LEU B 313 -23.26 -8.13 7.68
N ILE B 314 -23.61 -8.46 8.92
CA ILE B 314 -23.69 -9.86 9.32
C ILE B 314 -24.68 -10.62 8.45
N GLU B 315 -25.83 -10.00 8.19
CA GLU B 315 -26.90 -10.67 7.48
C GLU B 315 -26.52 -10.82 6.02
N VAL B 316 -25.86 -9.81 5.48
CA VAL B 316 -25.43 -9.86 4.10
C VAL B 316 -24.33 -10.92 3.88
N VAL B 317 -23.53 -11.16 4.91
CA VAL B 317 -22.50 -12.18 4.84
C VAL B 317 -23.12 -13.59 4.90
N LYS B 318 -24.14 -13.77 5.73
CA LYS B 318 -24.85 -15.04 5.76
C LYS B 318 -25.52 -15.32 4.41
N GLU B 319 -26.05 -14.29 3.77
CA GLU B 319 -26.79 -14.47 2.52
C GLU B 319 -25.83 -14.74 1.38
N LEU B 320 -24.63 -14.18 1.45
CA LEU B 320 -23.59 -14.50 0.49
C LEU B 320 -23.20 -15.97 0.58
N ASN B 321 -23.00 -16.43 1.80
CA ASN B 321 -22.68 -17.84 2.02
C ASN B 321 -23.75 -18.75 1.42
N GLU B 322 -25.01 -18.47 1.78
CA GLU B 322 -26.14 -19.24 1.28
CA GLU B 322 -26.12 -19.28 1.28
C GLU B 322 -26.15 -19.25 -0.24
N MET B 323 -25.93 -18.08 -0.83
CA MET B 323 -25.95 -17.92 -2.27
C MET B 323 -24.92 -18.82 -2.96
N LEU B 324 -23.73 -18.91 -2.38
CA LEU B 324 -22.64 -19.63 -3.04
C LEU B 324 -22.58 -21.10 -2.58
N GLY B 325 -23.63 -21.54 -1.89
CA GLY B 325 -23.77 -22.95 -1.53
C GLY B 325 -22.80 -23.39 -0.45
N VAL B 326 -22.38 -22.46 0.40
CA VAL B 326 -21.53 -22.83 1.51
C VAL B 326 -22.29 -23.75 2.46
N PRO B 327 -21.71 -24.92 2.76
CA PRO B 327 -22.40 -25.87 3.62
C PRO B 327 -22.50 -25.41 5.08
N LYS B 328 -23.52 -25.87 5.77
CA LYS B 328 -23.56 -25.79 7.23
C LYS B 328 -22.46 -26.67 7.82
N LEU B 329 -22.08 -26.38 9.07
CA LEU B 329 -21.01 -27.11 9.73
C LEU B 329 -21.43 -28.55 9.95
N GLY B 330 -22.72 -28.75 10.18
CA GLY B 330 -23.29 -30.08 10.39
C GLY B 330 -23.14 -31.00 9.20
N GLU B 331 -22.93 -30.44 8.01
CA GLU B 331 -22.79 -31.24 6.79
C GLU B 331 -21.35 -31.69 6.52
N LEU B 332 -20.38 -31.10 7.22
CA LEU B 332 -18.96 -31.33 6.92
C LEU B 332 -18.34 -32.38 7.85
N VAL B 333 -19.03 -32.65 8.95
CA VAL B 333 -18.46 -33.39 10.06
C VAL B 333 -19.60 -33.86 10.94
N ASP B 334 -19.56 -35.13 11.32
CA ASP B 334 -20.66 -35.72 12.09
C ASP B 334 -20.60 -35.25 13.53
N GLU B 335 -21.74 -35.33 14.20
CA GLU B 335 -21.89 -34.76 15.53
C GLU B 335 -20.86 -35.34 16.48
N GLU B 336 -20.52 -36.61 16.30
CA GLU B 336 -19.88 -37.37 17.36
C GLU B 336 -18.41 -37.02 17.47
N THR B 337 -17.71 -37.08 16.34
CA THR B 337 -16.40 -36.48 16.22
C THR B 337 -16.39 -35.06 16.76
N PHE B 338 -17.22 -34.20 16.18
CA PHE B 338 -17.17 -32.78 16.47
C PHE B 338 -17.21 -32.55 17.99
N ALA B 339 -18.18 -33.16 18.65
CA ALA B 339 -18.49 -32.80 20.04
C ALA B 339 -17.38 -33.24 20.99
N SER B 340 -16.72 -34.34 20.67
CA SER B 340 -15.66 -34.85 21.52
C SER B 340 -14.37 -34.05 21.34
N LYS B 341 -14.30 -33.24 20.29
CA LYS B 341 -13.09 -32.47 19.96
C LYS B 341 -13.19 -30.99 20.32
N VAL B 342 -14.41 -30.52 20.57
CA VAL B 342 -14.67 -29.09 20.67
C VAL B 342 -13.87 -28.46 21.80
N GLU B 343 -13.65 -29.20 22.89
CA GLU B 343 -12.92 -28.67 24.03
C GLU B 343 -11.43 -28.57 23.72
N GLU B 344 -10.86 -29.64 23.20
CA GLU B 344 -9.48 -29.60 22.74
C GLU B 344 -9.24 -28.42 21.77
N MET B 345 -10.14 -28.28 20.80
CA MET B 345 -10.07 -27.20 19.81
C MET B 345 -10.10 -25.81 20.44
N ALA B 346 -10.92 -25.66 21.48
CA ALA B 346 -11.04 -24.39 22.18
C ALA B 346 -9.74 -23.99 22.86
N GLU B 347 -9.09 -24.96 23.50
CA GLU B 347 -7.85 -24.72 24.24
C GLU B 347 -6.72 -24.30 23.30
N LYS B 348 -6.61 -24.99 22.16
CA LYS B 348 -5.62 -24.62 21.16
C LYS B 348 -5.89 -23.24 20.55
N THR B 349 -7.14 -22.97 20.20
CA THR B 349 -7.53 -21.65 19.71
C THR B 349 -7.15 -20.55 20.72
N TYR B 350 -7.28 -20.87 22.00
CA TYR B 350 -6.99 -19.92 23.07
C TYR B 350 -5.49 -19.59 23.21
N HIS B 351 -4.64 -20.51 22.78
CA HIS B 351 -3.18 -20.32 22.87
C HIS B 351 -2.59 -19.72 21.59
N ASP B 352 -3.46 -19.46 20.60
CA ASP B 352 -3.05 -18.90 19.32
C ASP B 352 -2.81 -17.38 19.43
N GLY B 353 -1.76 -16.90 18.78
CA GLY B 353 -1.32 -15.51 18.92
C GLY B 353 -2.25 -14.50 18.25
N LEU B 354 -3.05 -14.99 17.31
CA LEU B 354 -3.98 -14.12 16.58
C LEU B 354 -5.11 -13.58 17.44
N ILE B 355 -5.42 -14.22 18.57
CA ILE B 355 -6.49 -13.71 19.44
C ILE B 355 -6.02 -12.53 20.30
N ALA B 356 -4.70 -12.31 20.33
CA ALA B 356 -4.11 -11.05 20.81
C ALA B 356 -4.61 -9.84 20.03
N PHE B 357 -4.92 -10.04 18.75
CA PHE B 357 -5.20 -8.94 17.84
C PHE B 357 -6.71 -8.72 17.68
N ASN B 358 -7.51 -9.76 17.96
CA ASN B 358 -8.97 -9.64 17.94
C ASN B 358 -9.45 -8.52 18.86
N PRO B 359 -10.52 -7.80 18.46
CA PRO B 359 -10.88 -6.61 19.25
C PRO B 359 -11.43 -6.92 20.63
N VAL B 360 -11.79 -8.19 20.84
CA VAL B 360 -12.22 -8.70 22.14
C VAL B 360 -11.43 -9.98 22.39
N GLU B 361 -10.88 -10.17 23.59
CA GLU B 361 -10.18 -11.42 23.92
CA GLU B 361 -10.19 -11.41 23.90
C GLU B 361 -11.16 -12.43 24.52
N PRO B 362 -11.40 -13.54 23.80
CA PRO B 362 -12.42 -14.46 24.31
C PRO B 362 -11.83 -15.38 25.37
N LYS B 363 -12.64 -15.71 26.37
CA LYS B 363 -12.29 -16.74 27.32
C LYS B 363 -12.44 -18.12 26.67
N PRO B 364 -11.71 -19.12 27.21
CA PRO B 364 -11.78 -20.48 26.66
C PRO B 364 -13.21 -20.99 26.54
N GLU B 365 -14.04 -20.68 27.54
CA GLU B 365 -15.43 -21.12 27.57
C GLU B 365 -16.24 -20.49 26.43
N GLU B 366 -15.93 -19.24 26.10
CA GLU B 366 -16.68 -18.52 25.09
C GLU B 366 -16.35 -19.06 23.71
N ILE B 367 -15.08 -19.43 23.50
CA ILE B 367 -14.66 -20.11 22.28
C ILE B 367 -15.41 -21.43 22.11
N LYS B 368 -15.49 -22.19 23.19
CA LYS B 368 -16.25 -23.45 23.17
CA LYS B 368 -16.25 -23.44 23.18
C LYS B 368 -17.67 -23.19 22.70
N GLU B 369 -18.33 -22.24 23.32
CA GLU B 369 -19.71 -21.89 22.98
C GLU B 369 -19.85 -21.53 21.51
N LEU B 370 -18.86 -20.82 20.97
CA LEU B 370 -18.92 -20.33 19.59
C LEU B 370 -18.87 -21.49 18.60
N TYR B 371 -17.94 -22.41 18.82
CA TYR B 371 -17.92 -23.68 18.10
C TYR B 371 -19.30 -24.37 18.10
N LEU B 372 -19.93 -24.45 19.27
CA LEU B 372 -21.20 -25.14 19.41
C LEU B 372 -22.32 -24.37 18.71
N LYS B 373 -22.31 -23.05 18.85
CA LYS B 373 -23.29 -22.21 18.15
C LYS B 373 -23.20 -22.44 16.65
N ALA B 374 -21.98 -22.50 16.13
CA ALA B 374 -21.74 -22.67 14.70
C ALA B 374 -22.24 -24.03 14.23
N TYR B 375 -22.03 -25.06 15.05
CA TYR B 375 -22.39 -26.43 14.69
C TYR B 375 -23.90 -26.61 14.59
N ARG B 376 -24.62 -26.14 15.62
CA ARG B 376 -26.07 -26.15 15.63
C ARG B 376 -26.67 -25.43 14.43
N GLY B 377 -25.82 -24.79 13.62
CA GLY B 377 -26.27 -23.91 12.56
C GLY B 377 -27.12 -22.78 13.10
N GLU B 378 -26.83 -22.41 14.34
CA GLU B 378 -27.66 -21.48 15.07
C GLU B 378 -27.89 -20.18 14.30
FE FE C . 0.87 18.52 -5.62
PA NAP D . 5.47 24.15 2.09
O1A NAP D . 5.81 25.01 0.90
O2A NAP D . 6.47 23.12 2.56
O5B NAP D . 5.15 25.08 3.36
C5B NAP D . 4.20 26.12 3.28
C4B NAP D . 4.24 26.96 4.57
O4B NAP D . 3.70 26.25 5.68
C3B NAP D . 5.65 27.37 4.97
O3B NAP D . 5.73 28.80 4.85
C2B NAP D . 5.82 27.00 6.43
O2B NAP D . 6.26 28.12 7.19
C1B NAP D . 4.42 26.62 6.87
N9A NAP D . 4.39 25.48 7.80
C8A NAP D . 4.59 24.19 7.44
N7A NAP D . 4.31 23.35 8.46
C5A NAP D . 3.79 24.11 9.45
C6A NAP D . 3.31 23.88 10.82
N6A NAP D . 3.25 22.63 11.32
N1A NAP D . 2.97 24.94 11.56
C2A NAP D . 2.99 26.20 11.07
N3A NAP D . 3.44 26.48 9.84
C4A NAP D . 3.82 25.50 8.99
O3 NAP D . 3.99 23.55 1.86
PN NAP D . 3.55 22.11 1.26
O1N NAP D . 3.81 21.02 2.28
O2N NAP D . 2.16 22.31 0.72
O5D NAP D . 4.55 21.83 0.04
C5D NAP D . 4.50 22.59 -1.15
C4D NAP D . 5.75 22.23 -1.91
O4D NAP D . 5.78 20.83 -2.12
C3D NAP D . 5.84 22.92 -3.27
O3D NAP D . 7.17 23.43 -3.45
C2D NAP D . 5.54 21.80 -4.25
O2D NAP D . 6.22 21.99 -5.49
C1D NAP D . 6.04 20.56 -3.50
N1N NAP D . 5.44 19.30 -3.96
C2N NAP D . 6.24 18.23 -3.98
C3N NAP D . 5.77 16.98 -4.40
C7N NAP D . 6.71 15.80 -4.45
O7N NAP D . 6.27 14.70 -4.72
N7N NAP D . 8.01 15.96 -4.15
C4N NAP D . 4.44 16.87 -4.83
C5N NAP D . 3.59 17.97 -4.69
C6N NAP D . 4.14 19.20 -4.30
P2B NAP D . 7.77 28.22 7.74
O1X NAP D . 8.65 28.19 6.53
O2X NAP D . 7.74 29.53 8.48
O3X NAP D . 7.92 27.00 8.63
H51A NAP D . 4.42 26.76 2.43
H52A NAP D . 3.19 25.71 3.16
H4B NAP D . 3.66 27.87 4.39
H3B NAP D . 6.41 26.87 4.35
HO3A NAP D . 6.05 29.03 3.98
H2B NAP D . 6.50 26.14 6.53
H1B NAP D . 3.94 27.49 7.34
H8A NAP D . 4.97 23.87 6.48
H61A NAP D . 3.56 21.84 10.77
H62A NAP D . 2.94 22.48 12.27
H2A NAP D . 2.66 27.01 11.70
H51N NAP D . 4.47 23.66 -0.93
H52N NAP D . 3.61 22.32 -1.73
H4D NAP D . 6.62 22.54 -1.31
H3D NAP D . 5.09 23.70 -3.35
HO3N NAP D . 7.72 22.78 -3.91
H2D NAP D . 4.46 21.72 -4.40
HO2N NAP D . 5.57 22.12 -6.20
H1D NAP D . 7.13 20.51 -3.65
H2N NAP D . 7.28 18.33 -3.71
H71N NAP D . 8.63 15.16 -4.18
H72N NAP D . 8.37 16.87 -3.92
H4N NAP D . 4.04 15.91 -5.11
H5N NAP D . 2.56 17.90 -5.01
H6N NAP D . 3.50 20.08 -4.24
C ACY E . -4.92 -21.25 -1.20
O ACY E . -4.30 -21.91 -2.06
OXT ACY E . -5.79 -20.41 -1.54
CH3 ACY E . -4.67 -21.53 0.25
H1 ACY E . -3.84 -20.96 0.58
H2 ACY E . -5.52 -21.26 0.83
H3 ACY E . -4.46 -22.57 0.39
C1 PGE F . 11.21 -1.89 -3.62
O1 PGE F . 11.80 -0.59 -3.77
C2 PGE F . 10.49 -2.00 -2.29
O2 PGE F . 11.43 -2.27 -1.25
C3 PGE F . 10.80 -2.57 0.00
C4 PGE F . 11.47 -1.77 1.12
O4 PGE F . 10.17 -3.35 5.43
C6 PGE F . 10.20 -2.22 4.55
C5 PGE F . 10.79 -2.65 3.21
O3 PGE F . 10.58 -1.63 2.23
H1 PGE F . 10.50 -2.05 -4.44
H12 PGE F . 11.99 -2.65 -3.69
HO1 PGE F . 11.11 0.08 -3.83
H2 PGE F . 9.95 -1.08 -2.08
H22 PGE F . 9.75 -2.82 -2.34
H3 PGE F . 9.74 -2.31 -0.05
H32 PGE F . 10.89 -3.63 0.21
H4 PGE F . 12.38 -2.27 1.43
H42 PGE F . 11.74 -0.77 0.75
HO4 PGE F . 9.53 -4.00 5.11
H6 PGE F . 10.81 -1.43 4.97
H62 PGE F . 9.19 -1.84 4.40
H5 PGE F . 10.30 -3.58 2.88
H52 PGE F . 11.85 -2.85 3.31
#